data_4F7R
#
_entry.id   4F7R
#
_cell.length_a   100.879
_cell.length_b   100.879
_cell.length_c   140.559
_cell.angle_alpha   90.00
_cell.angle_beta   90.00
_cell.angle_gamma   120.00
#
_symmetry.space_group_name_H-M   'P 32'
#
loop_
_entity.id
_entity.type
_entity.pdbx_description
1 polymer '14-3-3 protein'
2 non-polymer 'SULFATE ION'
#
_entity_poly.entity_id   1
_entity_poly.type   'polypeptide(L)'
_entity_poly.pdbx_seq_one_letter_code
;GPLGSMAEAFTREDYVFMAQLNENAERYDEMVETMRKISGMEGELSDKERNLLSVAYKNVIGPRRAAWRIVSSIEAKEKG
RQKPNAKRIEQIRVYRQKIEKELSDICNDILKLLQEQFVPRSTNADAKVFYYKMQGDYYRYLAEYSSGEDKEKIAGSALN
AYNSAFEISQQLPPTHPIRLGLALNFSVFYYEILASPDRACELARKAFDAAITDLDKLTEESYKDSTLIMQLLRDNLNLW
VTDSAGDDNAEEK
;
_entity_poly.pdbx_strand_id   A,B,C,D
#
loop_
_chem_comp.id
_chem_comp.type
_chem_comp.name
_chem_comp.formula
SO4 non-polymer 'SULFATE ION' 'O4 S -2'
#
# COMPACT_ATOMS: atom_id res chain seq x y z
N ALA A 7 -14.06 -64.36 -2.08
CA ALA A 7 -15.04 -64.71 -3.15
C ALA A 7 -15.55 -63.47 -3.89
N GLU A 8 -15.27 -62.29 -3.35
CA GLU A 8 -15.63 -61.02 -3.99
C GLU A 8 -14.43 -60.07 -4.01
N ALA A 9 -13.44 -60.46 -4.82
CA ALA A 9 -12.23 -59.68 -5.02
C ALA A 9 -12.44 -58.70 -6.18
N PHE A 10 -11.35 -58.08 -6.63
CA PHE A 10 -11.43 -57.01 -7.62
C PHE A 10 -11.68 -57.51 -9.03
N THR A 11 -12.61 -56.86 -9.72
CA THR A 11 -12.88 -57.09 -11.13
C THR A 11 -12.26 -55.97 -11.95
N ARG A 12 -12.42 -56.03 -13.27
CA ARG A 12 -11.80 -55.04 -14.16
C ARG A 12 -12.27 -53.62 -13.84
N GLU A 13 -13.57 -53.47 -13.60
CA GLU A 13 -14.16 -52.16 -13.24
C GLU A 13 -13.39 -51.48 -12.11
N ASP A 14 -12.87 -52.26 -11.18
CA ASP A 14 -12.19 -51.73 -10.01
C ASP A 14 -10.78 -51.22 -10.35
N TYR A 15 -10.16 -51.79 -11.38
CA TYR A 15 -8.87 -51.28 -11.87
C TYR A 15 -9.05 -50.01 -12.67
N VAL A 16 -10.10 -49.96 -13.48
CA VAL A 16 -10.46 -48.73 -14.19
C VAL A 16 -10.70 -47.60 -13.18
N PHE A 17 -11.33 -47.93 -12.05
CA PHE A 17 -11.61 -46.93 -11.02
C PHE A 17 -10.33 -46.31 -10.44
N MET A 18 -9.32 -47.13 -10.18
CA MET A 18 -8.03 -46.60 -9.67
C MET A 18 -7.38 -45.70 -10.70
N ALA A 19 -7.49 -46.06 -11.98
CA ALA A 19 -6.98 -45.23 -13.07
C ALA A 19 -7.63 -43.85 -13.04
N GLN A 20 -8.94 -43.84 -12.78
CA GLN A 20 -9.70 -42.59 -12.69
C GLN A 20 -9.39 -41.85 -11.40
N LEU A 21 -9.27 -42.59 -10.30
CA LEU A 21 -8.93 -42.01 -9.02
C LEU A 21 -7.53 -41.39 -9.11
N ASN A 22 -6.58 -42.17 -9.65
CA ASN A 22 -5.22 -41.66 -9.92
C ASN A 22 -5.31 -40.33 -10.66
N GLU A 23 -6.04 -40.34 -11.78
CA GLU A 23 -6.23 -39.15 -12.61
C GLU A 23 -6.73 -37.96 -11.80
N ASN A 24 -7.82 -38.16 -11.07
CA ASN A 24 -8.39 -37.13 -10.21
C ASN A 24 -7.39 -36.56 -9.23
N ALA A 25 -6.57 -37.42 -8.65
CA ALA A 25 -5.52 -36.99 -7.72
C ALA A 25 -4.33 -36.36 -8.45
N GLU A 26 -4.35 -36.39 -9.78
CA GLU A 26 -3.25 -35.90 -10.60
C GLU A 26 -1.93 -36.59 -10.26
N ARG A 27 -2.00 -37.91 -10.04
CA ARG A 27 -0.83 -38.74 -9.74
C ARG A 27 -0.63 -39.71 -10.89
N TYR A 28 -0.07 -39.17 -11.98
CA TYR A 28 -0.10 -39.84 -13.28
C TYR A 28 0.89 -40.97 -13.40
N ASP A 29 1.95 -40.94 -12.59
CA ASP A 29 2.89 -42.06 -12.53
C ASP A 29 2.11 -43.31 -12.12
N GLU A 30 1.30 -43.18 -11.09
CA GLU A 30 0.44 -44.26 -10.63
C GLU A 30 -0.60 -44.63 -11.67
N MET A 31 -1.10 -43.65 -12.40
CA MET A 31 -2.05 -43.89 -13.47
C MET A 31 -1.45 -44.76 -14.56
N VAL A 32 -0.19 -44.50 -14.90
CA VAL A 32 0.51 -45.30 -15.91
C VAL A 32 0.66 -46.77 -15.46
N GLU A 33 0.90 -46.97 -14.17
CA GLU A 33 1.04 -48.30 -13.60
C GLU A 33 -0.28 -49.05 -13.52
N THR A 34 -1.35 -48.34 -13.16
CA THR A 34 -2.68 -48.95 -13.12
C THR A 34 -3.14 -49.34 -14.52
N MET A 35 -2.87 -48.47 -15.50
CA MET A 35 -3.18 -48.79 -16.88
C MET A 35 -2.30 -49.92 -17.41
N ARG A 36 -1.04 -49.96 -16.99
CA ARG A 36 -0.16 -51.09 -17.34
C ARG A 36 -0.75 -52.42 -16.85
N LYS A 37 -1.29 -52.42 -15.63
CA LYS A 37 -1.97 -53.60 -15.09
C LYS A 37 -3.10 -54.08 -16.00
N ILE A 38 -3.93 -53.13 -16.46
CA ILE A 38 -5.06 -53.43 -17.34
C ILE A 38 -4.58 -53.90 -18.71
N SER A 39 -3.41 -53.43 -19.14
CA SER A 39 -2.85 -53.84 -20.43
C SER A 39 -2.34 -55.27 -20.38
N GLY A 40 -1.87 -55.68 -19.21
CA GLY A 40 -1.42 -57.04 -18.99
C GLY A 40 -2.58 -58.02 -19.01
N MET A 41 -3.78 -57.52 -18.72
CA MET A 41 -4.98 -58.35 -18.72
C MET A 41 -5.35 -58.82 -20.12
N GLU A 42 -6.17 -59.86 -20.18
CA GLU A 42 -6.63 -60.39 -21.45
C GLU A 42 -7.81 -59.57 -21.94
N GLY A 43 -7.94 -59.47 -23.27
CA GLY A 43 -8.98 -58.69 -23.92
C GLY A 43 -8.42 -57.50 -24.67
N GLU A 44 -9.32 -56.66 -25.17
CA GLU A 44 -8.94 -55.43 -25.84
C GLU A 44 -9.40 -54.27 -24.98
N LEU A 45 -8.63 -53.19 -24.95
CA LEU A 45 -9.03 -52.01 -24.18
C LEU A 45 -10.31 -51.42 -24.75
N SER A 46 -11.23 -51.04 -23.86
CA SER A 46 -12.41 -50.31 -24.26
C SER A 46 -12.05 -48.91 -24.73
N ASP A 47 -13.03 -48.19 -25.26
CA ASP A 47 -12.82 -46.79 -25.66
C ASP A 47 -12.51 -45.92 -24.45
N LYS A 48 -13.15 -46.21 -23.32
CA LYS A 48 -12.83 -45.55 -22.07
C LYS A 48 -11.38 -45.83 -21.68
N GLU A 49 -11.01 -47.10 -21.72
CA GLU A 49 -9.67 -47.54 -21.30
C GLU A 49 -8.55 -47.03 -22.21
N ARG A 50 -8.83 -46.91 -23.51
CA ARG A 50 -7.86 -46.34 -24.45
C ARG A 50 -7.58 -44.88 -24.16
N ASN A 51 -8.60 -44.13 -23.76
CA ASN A 51 -8.42 -42.72 -23.41
C ASN A 51 -7.67 -42.55 -22.09
N LEU A 52 -7.98 -43.38 -21.11
CA LEU A 52 -7.24 -43.38 -19.84
C LEU A 52 -5.75 -43.64 -20.08
N LEU A 53 -5.46 -44.58 -20.99
CA LEU A 53 -4.07 -44.87 -21.39
C LEU A 53 -3.43 -43.61 -21.93
N SER A 54 -4.06 -43.03 -22.95
CA SER A 54 -3.55 -41.83 -23.61
C SER A 54 -3.28 -40.70 -22.61
N VAL A 55 -4.28 -40.44 -21.76
CA VAL A 55 -4.18 -39.40 -20.73
C VAL A 55 -2.99 -39.60 -19.81
N ALA A 56 -2.85 -40.81 -19.27
CA ALA A 56 -1.81 -41.12 -18.30
C ALA A 56 -0.43 -40.83 -18.88
N TYR A 57 -0.14 -41.46 -20.01
CA TYR A 57 1.15 -41.30 -20.67
C TYR A 57 1.40 -39.86 -21.16
N LYS A 58 0.34 -39.15 -21.53
CA LYS A 58 0.49 -37.74 -21.93
C LYS A 58 0.92 -36.87 -20.77
N ASN A 59 0.37 -37.14 -19.58
CA ASN A 59 0.67 -36.35 -18.37
C ASN A 59 1.95 -36.78 -17.64
N VAL A 60 2.60 -37.84 -18.13
CA VAL A 60 3.91 -38.24 -17.66
C VAL A 60 4.99 -37.66 -18.58
N ILE A 61 4.82 -37.84 -19.88
CA ILE A 61 5.74 -37.31 -20.89
C ILE A 61 5.62 -35.79 -21.03
N GLY A 62 4.42 -35.25 -20.78
CA GLY A 62 4.17 -33.83 -20.94
C GLY A 62 5.11 -32.93 -20.17
N PRO A 63 5.13 -33.07 -18.82
CA PRO A 63 6.01 -32.26 -17.96
C PRO A 63 7.49 -32.35 -18.30
N ARG A 64 7.94 -33.49 -18.83
CA ARG A 64 9.33 -33.66 -19.24
C ARG A 64 9.69 -32.88 -20.48
N ARG A 65 8.80 -32.88 -21.46
CA ARG A 65 9.01 -32.10 -22.68
C ARG A 65 9.05 -30.61 -22.36
N ALA A 66 8.23 -30.18 -21.40
CA ALA A 66 8.22 -28.80 -20.92
C ALA A 66 9.56 -28.48 -20.27
N ALA A 67 9.99 -29.36 -19.35
CA ALA A 67 11.27 -29.18 -18.67
C ALA A 67 12.43 -29.21 -19.65
N TRP A 68 12.33 -30.09 -20.65
CA TRP A 68 13.35 -30.17 -21.69
C TRP A 68 13.47 -28.87 -22.43
N ARG A 69 12.33 -28.33 -22.89
CA ARG A 69 12.31 -27.05 -23.62
C ARG A 69 12.86 -25.87 -22.80
N ILE A 70 12.61 -25.86 -21.50
CA ILE A 70 13.12 -24.79 -20.64
C ILE A 70 14.64 -24.87 -20.47
N VAL A 71 15.14 -26.09 -20.22
CA VAL A 71 16.57 -26.30 -20.00
C VAL A 71 17.35 -26.14 -21.30
N SER A 72 16.76 -26.57 -22.41
CA SER A 72 17.37 -26.38 -23.73
C SER A 72 17.52 -24.90 -24.04
N SER A 73 16.48 -24.12 -23.76
CA SER A 73 16.50 -22.69 -24.05
C SER A 73 17.54 -21.98 -23.17
N ILE A 74 17.58 -22.32 -21.89
CA ILE A 74 18.59 -21.78 -20.98
C ILE A 74 20.00 -22.09 -21.49
N GLU A 75 20.20 -23.33 -21.94
CA GLU A 75 21.48 -23.77 -22.49
C GLU A 75 21.87 -22.97 -23.72
N ALA A 76 20.91 -22.76 -24.62
CA ALA A 76 21.14 -21.98 -25.83
C ALA A 76 21.67 -20.59 -25.46
N LYS A 77 21.03 -19.97 -24.47
CA LYS A 77 21.41 -18.65 -23.99
C LYS A 77 22.84 -18.63 -23.44
N GLU A 78 23.18 -19.61 -22.61
CA GLU A 78 24.50 -19.70 -21.98
C GLU A 78 25.63 -19.94 -22.97
N LYS A 79 25.33 -20.67 -24.04
CA LYS A 79 26.31 -20.95 -25.09
C LYS A 79 26.53 -19.74 -25.99
N GLY A 80 25.47 -18.96 -26.21
CA GLY A 80 25.53 -17.78 -27.06
C GLY A 80 26.11 -16.55 -26.39
N ARG A 81 26.66 -16.70 -25.19
CA ARG A 81 27.20 -15.57 -24.44
C ARG A 81 28.45 -14.99 -25.08
N GLN A 82 28.73 -13.74 -24.73
CA GLN A 82 29.95 -13.06 -25.14
C GLN A 82 31.15 -13.71 -24.47
N LYS A 83 31.01 -14.02 -23.18
CA LYS A 83 32.04 -14.72 -22.41
C LYS A 83 31.44 -15.99 -21.80
N PRO A 84 31.34 -17.07 -22.60
CA PRO A 84 30.66 -18.29 -22.14
C PRO A 84 31.33 -18.95 -20.95
N ASN A 85 30.51 -19.56 -20.08
CA ASN A 85 31.01 -20.34 -18.96
C ASN A 85 30.88 -21.82 -19.29
N ALA A 86 31.97 -22.43 -19.75
CA ALA A 86 31.98 -23.84 -20.17
C ALA A 86 31.49 -24.82 -19.11
N LYS A 87 31.65 -24.47 -17.83
CA LYS A 87 31.28 -25.34 -16.72
C LYS A 87 29.77 -25.32 -16.49
N ARG A 88 29.20 -24.12 -16.43
CA ARG A 88 27.75 -23.94 -16.32
C ARG A 88 27.03 -24.54 -17.53
N ILE A 89 27.61 -24.35 -18.71
CA ILE A 89 27.08 -24.95 -19.92
C ILE A 89 27.02 -26.47 -19.79
N GLU A 90 28.04 -27.06 -19.19
CA GLU A 90 28.08 -28.51 -18.97
C GLU A 90 27.07 -28.95 -17.91
N GLN A 91 26.94 -28.14 -16.87
CA GLN A 91 26.00 -28.40 -15.79
C GLN A 91 24.59 -28.53 -16.38
N ILE A 92 24.25 -27.61 -17.28
CA ILE A 92 22.95 -27.58 -17.94
C ILE A 92 22.84 -28.77 -18.87
N ARG A 93 23.77 -28.87 -19.82
CA ARG A 93 23.82 -29.96 -20.79
C ARG A 93 23.59 -31.34 -20.16
N VAL A 94 24.27 -31.62 -19.05
CA VAL A 94 24.11 -32.87 -18.29
C VAL A 94 22.69 -33.01 -17.74
N TYR A 95 22.09 -31.90 -17.32
CA TYR A 95 20.72 -31.91 -16.81
C TYR A 95 19.75 -32.24 -17.94
N ARG A 96 19.95 -31.62 -19.09
CA ARG A 96 19.13 -31.91 -20.28
C ARG A 96 19.22 -33.40 -20.58
N GLN A 97 20.44 -33.91 -20.68
CA GLN A 97 20.67 -35.32 -20.98
C GLN A 97 19.93 -36.25 -20.02
N LYS A 98 19.82 -35.85 -18.75
CA LYS A 98 19.05 -36.62 -17.78
C LYS A 98 17.58 -36.66 -18.14
N ILE A 99 17.03 -35.48 -18.50
CA ILE A 99 15.64 -35.37 -18.90
C ILE A 99 15.41 -36.17 -20.19
N GLU A 100 16.39 -36.13 -21.10
CA GLU A 100 16.31 -36.89 -22.34
C GLU A 100 16.25 -38.39 -22.10
N LYS A 101 16.89 -38.85 -21.01
CA LYS A 101 16.86 -40.26 -20.64
C LYS A 101 15.47 -40.66 -20.14
N GLU A 102 14.85 -39.78 -19.38
CA GLU A 102 13.48 -40.00 -18.90
C GLU A 102 12.46 -40.01 -20.04
N LEU A 103 12.69 -39.16 -21.04
CA LEU A 103 11.81 -39.10 -22.22
C LEU A 103 11.85 -40.43 -22.97
N SER A 104 13.06 -40.87 -23.31
CA SER A 104 13.23 -42.12 -24.05
C SER A 104 12.76 -43.34 -23.24
N ASP A 105 12.95 -43.32 -21.93
CA ASP A 105 12.40 -44.39 -21.11
C ASP A 105 10.89 -44.46 -21.29
N ILE A 106 10.21 -43.35 -21.03
CA ILE A 106 8.75 -43.27 -21.16
C ILE A 106 8.28 -43.62 -22.57
N CYS A 107 8.88 -42.99 -23.57
CA CYS A 107 8.53 -43.29 -24.96
C CYS A 107 8.73 -44.76 -25.28
N ASN A 108 9.95 -45.25 -25.02
CA ASN A 108 10.27 -46.66 -25.23
C ASN A 108 9.24 -47.56 -24.59
N ASP A 109 8.82 -47.22 -23.38
CA ASP A 109 7.90 -48.04 -22.61
C ASP A 109 6.56 -48.26 -23.31
N ILE A 110 5.95 -47.17 -23.76
CA ILE A 110 4.63 -47.21 -24.40
C ILE A 110 4.71 -47.77 -25.81
N LEU A 111 5.81 -47.46 -26.52
CA LEU A 111 6.03 -47.99 -27.86
C LEU A 111 6.14 -49.53 -27.84
N LYS A 112 6.73 -50.08 -26.78
CA LYS A 112 6.77 -51.53 -26.55
C LYS A 112 5.36 -52.10 -26.42
N LEU A 113 4.59 -51.53 -25.50
CA LEU A 113 3.22 -51.99 -25.26
C LEU A 113 2.35 -51.91 -26.52
N LEU A 114 2.51 -50.85 -27.31
CA LEU A 114 1.77 -50.71 -28.56
C LEU A 114 2.17 -51.78 -29.57
N GLN A 115 3.48 -52.00 -29.71
CA GLN A 115 4.00 -52.96 -30.69
C GLN A 115 3.74 -54.41 -30.30
N GLU A 116 3.96 -54.73 -29.02
CA GLU A 116 3.89 -56.10 -28.54
C GLU A 116 2.52 -56.53 -28.03
N GLN A 117 1.76 -55.58 -27.49
CA GLN A 117 0.46 -55.91 -26.91
C GLN A 117 -0.71 -55.35 -27.71
N PHE A 118 -0.88 -54.04 -27.68
CA PHE A 118 -2.12 -53.43 -28.17
C PHE A 118 -2.45 -53.67 -29.63
N VAL A 119 -1.52 -53.33 -30.54
CA VAL A 119 -1.77 -53.46 -31.98
C VAL A 119 -1.95 -54.93 -32.43
N PRO A 120 -1.08 -55.85 -31.99
CA PRO A 120 -1.31 -57.27 -32.30
C PRO A 120 -2.63 -57.85 -31.79
N ARG A 121 -3.10 -57.42 -30.62
CA ARG A 121 -4.33 -57.95 -30.04
C ARG A 121 -5.60 -57.20 -30.51
N SER A 122 -5.42 -56.16 -31.32
CA SER A 122 -6.54 -55.32 -31.75
C SER A 122 -7.29 -55.93 -32.92
N THR A 123 -8.63 -55.89 -32.86
CA THR A 123 -9.49 -56.41 -33.92
C THR A 123 -10.36 -55.34 -34.61
N ASN A 124 -10.55 -54.20 -33.96
CA ASN A 124 -11.36 -53.11 -34.53
C ASN A 124 -10.58 -52.19 -35.44
N ALA A 125 -11.30 -51.47 -36.29
CA ALA A 125 -10.71 -50.50 -37.21
C ALA A 125 -10.30 -49.22 -36.49
N ASP A 126 -11.22 -48.65 -35.72
CA ASP A 126 -10.96 -47.39 -35.01
C ASP A 126 -9.88 -47.56 -33.93
N ALA A 127 -9.78 -48.75 -33.35
CA ALA A 127 -8.75 -49.05 -32.35
C ALA A 127 -7.37 -49.07 -33.00
N LYS A 128 -7.26 -49.76 -34.13
CA LYS A 128 -6.00 -49.81 -34.89
C LYS A 128 -5.48 -48.39 -35.18
N VAL A 129 -6.35 -47.51 -35.67
CA VAL A 129 -5.97 -46.13 -35.99
C VAL A 129 -5.48 -45.37 -34.76
N PHE A 130 -6.14 -45.60 -33.63
CA PHE A 130 -5.76 -44.98 -32.38
C PHE A 130 -4.35 -45.39 -31.96
N TYR A 131 -4.08 -46.69 -31.97
CA TYR A 131 -2.78 -47.20 -31.53
C TYR A 131 -1.66 -46.80 -32.49
N TYR A 132 -1.95 -46.85 -33.79
CA TYR A 132 -0.96 -46.46 -34.80
C TYR A 132 -0.66 -44.97 -34.73
N LYS A 133 -1.68 -44.18 -34.42
CA LYS A 133 -1.50 -42.75 -34.17
C LYS A 133 -0.61 -42.55 -32.95
N MET A 134 -0.94 -43.23 -31.85
CA MET A 134 -0.18 -43.14 -30.61
C MET A 134 1.29 -43.50 -30.85
N GLN A 135 1.51 -44.61 -31.54
CA GLN A 135 2.86 -45.05 -31.89
C GLN A 135 3.61 -43.93 -32.60
N GLY A 136 2.97 -43.34 -33.60
CA GLY A 136 3.57 -42.25 -34.37
C GLY A 136 3.86 -41.01 -33.55
N ASP A 137 3.01 -40.72 -32.57
CA ASP A 137 3.21 -39.57 -31.69
C ASP A 137 4.46 -39.75 -30.84
N TYR A 138 4.55 -40.87 -30.13
CA TYR A 138 5.68 -41.09 -29.22
C TYR A 138 7.01 -41.31 -29.96
N TYR A 139 6.95 -41.71 -31.23
CA TYR A 139 8.13 -41.68 -32.07
C TYR A 139 8.50 -40.22 -32.40
N ARG A 140 7.49 -39.40 -32.66
CA ARG A 140 7.71 -37.96 -32.90
C ARG A 140 8.33 -37.28 -31.69
N TYR A 141 7.96 -37.71 -30.49
CA TYR A 141 8.53 -37.14 -29.27
C TYR A 141 10.02 -37.51 -29.14
N LEU A 142 10.36 -38.76 -29.44
CA LEU A 142 11.76 -39.16 -29.51
C LEU A 142 12.50 -38.31 -30.54
N ALA A 143 11.89 -38.16 -31.71
CA ALA A 143 12.50 -37.37 -32.81
C ALA A 143 12.69 -35.89 -32.48
N GLU A 144 11.96 -35.37 -31.49
CA GLU A 144 12.05 -33.95 -31.12
C GLU A 144 13.37 -33.54 -30.46
N TYR A 145 14.09 -34.48 -29.87
CA TYR A 145 15.39 -34.17 -29.27
C TYR A 145 16.53 -35.05 -29.78
N SER A 146 16.29 -35.77 -30.87
CA SER A 146 17.30 -36.64 -31.48
C SER A 146 17.99 -35.92 -32.64
N SER A 147 19.03 -36.56 -33.18
CA SER A 147 19.75 -36.02 -34.34
C SER A 147 20.57 -37.09 -35.07
N GLY A 148 20.85 -36.83 -36.34
CA GLY A 148 21.64 -37.74 -37.16
C GLY A 148 20.89 -38.99 -37.55
N GLU A 149 21.57 -40.13 -37.50
CA GLU A 149 20.96 -41.42 -37.88
C GLU A 149 19.88 -41.85 -36.90
N ASP A 150 19.97 -41.38 -35.65
CA ASP A 150 18.93 -41.62 -34.66
C ASP A 150 17.61 -41.00 -35.11
N LYS A 151 17.63 -39.70 -35.40
CA LYS A 151 16.43 -38.96 -35.81
C LYS A 151 15.86 -39.44 -37.14
N GLU A 152 16.73 -39.85 -38.06
CA GLU A 152 16.28 -40.41 -39.34
C GLU A 152 15.55 -41.73 -39.13
N LYS A 153 16.18 -42.61 -38.35
CA LYS A 153 15.59 -43.92 -38.03
C LYS A 153 14.27 -43.76 -37.27
N ILE A 154 14.26 -42.86 -36.28
CA ILE A 154 13.06 -42.54 -35.51
C ILE A 154 11.95 -41.96 -36.39
N ALA A 155 12.28 -40.94 -37.17
CA ALA A 155 11.33 -40.32 -38.09
C ALA A 155 10.73 -41.35 -39.05
N GLY A 156 11.54 -42.29 -39.52
CA GLY A 156 11.06 -43.33 -40.43
C GLY A 156 9.96 -44.19 -39.82
N SER A 157 10.17 -44.63 -38.58
CA SER A 157 9.16 -45.40 -37.85
C SER A 157 7.93 -44.55 -37.57
N ALA A 158 8.14 -43.29 -37.18
CA ALA A 158 7.04 -42.35 -36.97
C ALA A 158 6.18 -42.22 -38.24
N LEU A 159 6.85 -42.10 -39.38
CA LEU A 159 6.17 -42.02 -40.69
C LEU A 159 5.35 -43.29 -40.98
N ASN A 160 5.92 -44.46 -40.67
CA ASN A 160 5.21 -45.72 -40.88
C ASN A 160 3.96 -45.79 -40.03
N ALA A 161 4.13 -45.60 -38.74
CA ALA A 161 3.03 -45.61 -37.78
C ALA A 161 1.89 -44.71 -38.25
N TYR A 162 2.22 -43.47 -38.61
CA TYR A 162 1.22 -42.51 -39.07
C TYR A 162 0.54 -42.93 -40.38
N ASN A 163 1.32 -43.50 -41.31
CA ASN A 163 0.75 -43.97 -42.58
C ASN A 163 -0.21 -45.14 -42.38
N SER A 164 0.20 -46.09 -41.55
CA SER A 164 -0.66 -47.20 -41.14
C SER A 164 -1.96 -46.64 -40.55
N ALA A 165 -1.80 -45.72 -39.61
CA ALA A 165 -2.94 -45.03 -39.02
C ALA A 165 -3.78 -44.40 -40.11
N PHE A 166 -3.12 -43.70 -41.03
CA PHE A 166 -3.80 -42.96 -42.10
C PHE A 166 -4.54 -43.85 -43.09
N GLU A 167 -3.93 -44.99 -43.44
CA GLU A 167 -4.54 -45.93 -44.37
C GLU A 167 -5.86 -46.46 -43.81
N ILE A 168 -5.85 -46.90 -42.56
CA ILE A 168 -7.01 -47.48 -41.91
C ILE A 168 -8.05 -46.42 -41.54
N SER A 169 -7.59 -45.18 -41.33
CA SER A 169 -8.50 -44.09 -40.95
C SER A 169 -9.49 -43.73 -42.04
N GLN A 170 -9.21 -44.18 -43.27
CA GLN A 170 -10.11 -43.97 -44.40
C GLN A 170 -11.49 -44.59 -44.14
N GLN A 171 -11.51 -45.72 -43.43
CA GLN A 171 -12.77 -46.42 -43.10
C GLN A 171 -13.67 -45.63 -42.16
N LEU A 172 -13.08 -44.90 -41.21
CA LEU A 172 -13.87 -44.11 -40.25
C LEU A 172 -14.42 -42.87 -40.95
N PRO A 173 -15.53 -42.31 -40.43
CA PRO A 173 -16.09 -41.08 -41.01
C PRO A 173 -15.14 -39.87 -40.92
N PRO A 174 -15.17 -39.00 -41.94
CA PRO A 174 -14.30 -37.80 -41.95
C PRO A 174 -14.38 -36.93 -40.69
N THR A 175 -15.52 -36.97 -39.99
CA THR A 175 -15.72 -36.15 -38.78
C THR A 175 -15.36 -36.89 -37.49
N HIS A 176 -14.79 -38.10 -37.62
CA HIS A 176 -14.36 -38.88 -36.46
C HIS A 176 -13.17 -38.22 -35.76
N PRO A 177 -13.26 -38.04 -34.43
CA PRO A 177 -12.16 -37.41 -33.67
C PRO A 177 -10.76 -38.03 -33.87
N ILE A 178 -10.70 -39.36 -33.95
CA ILE A 178 -9.42 -40.06 -34.11
C ILE A 178 -8.86 -39.82 -35.50
N ARG A 179 -9.72 -39.77 -36.50
CA ARG A 179 -9.29 -39.51 -37.88
C ARG A 179 -8.80 -38.07 -38.04
N LEU A 180 -9.58 -37.12 -37.53
CA LEU A 180 -9.14 -35.72 -37.49
C LEU A 180 -7.87 -35.59 -36.67
N GLY A 181 -7.86 -36.21 -35.49
CA GLY A 181 -6.70 -36.20 -34.60
C GLY A 181 -5.41 -36.68 -35.26
N LEU A 182 -5.52 -37.73 -36.06
CA LEU A 182 -4.39 -38.22 -36.85
C LEU A 182 -3.94 -37.15 -37.85
N ALA A 183 -4.91 -36.61 -38.58
CA ALA A 183 -4.65 -35.58 -39.58
C ALA A 183 -3.87 -34.43 -38.99
N LEU A 184 -4.28 -33.97 -37.81
CA LEU A 184 -3.63 -32.85 -37.14
C LEU A 184 -2.17 -33.16 -36.83
N ASN A 185 -1.94 -34.28 -36.13
CA ASN A 185 -0.59 -34.67 -35.71
C ASN A 185 0.33 -35.05 -36.87
N PHE A 186 -0.19 -35.82 -37.82
CA PHE A 186 0.58 -36.23 -38.99
C PHE A 186 1.05 -34.98 -39.76
N SER A 187 0.16 -33.99 -39.87
CA SER A 187 0.50 -32.72 -40.49
C SER A 187 1.61 -32.01 -39.73
N VAL A 188 1.48 -31.95 -38.41
CA VAL A 188 2.49 -31.34 -37.57
C VAL A 188 3.80 -32.13 -37.66
N PHE A 189 3.70 -33.45 -37.82
CA PHE A 189 4.88 -34.28 -38.03
C PHE A 189 5.61 -33.88 -39.31
N TYR A 190 4.86 -33.65 -40.39
CA TYR A 190 5.50 -33.26 -41.65
C TYR A 190 6.21 -31.91 -41.54
N TYR A 191 5.55 -30.95 -40.90
CA TYR A 191 6.06 -29.57 -40.83
C TYR A 191 7.20 -29.43 -39.84
N GLU A 192 7.10 -30.06 -38.67
CA GLU A 192 8.06 -29.85 -37.59
C GLU A 192 9.20 -30.87 -37.52
N ILE A 193 9.03 -32.05 -38.12
CA ILE A 193 10.08 -33.08 -38.08
C ILE A 193 10.64 -33.39 -39.47
N LEU A 194 9.79 -33.83 -40.39
CA LEU A 194 10.23 -34.24 -41.73
C LEU A 194 10.56 -33.08 -42.68
N ALA A 195 10.35 -31.84 -42.26
CA ALA A 195 10.68 -30.68 -43.07
C ALA A 195 9.97 -30.79 -44.43
N SER A 196 8.65 -30.89 -44.38
CA SER A 196 7.81 -31.08 -45.57
C SER A 196 6.53 -30.23 -45.49
N PRO A 197 6.65 -28.91 -45.71
CA PRO A 197 5.52 -28.00 -45.54
C PRO A 197 4.35 -28.20 -46.51
N ASP A 198 4.64 -28.61 -47.74
CA ASP A 198 3.57 -28.90 -48.70
C ASP A 198 2.69 -30.02 -48.18
N ARG A 199 3.32 -31.17 -47.94
CA ARG A 199 2.60 -32.33 -47.41
C ARG A 199 1.84 -32.03 -46.12
N ALA A 200 2.44 -31.25 -45.23
CA ALA A 200 1.76 -30.82 -44.01
C ALA A 200 0.53 -29.98 -44.37
N CYS A 201 0.74 -28.95 -45.18
CA CYS A 201 -0.36 -28.05 -45.58
C CYS A 201 -1.49 -28.82 -46.24
N GLU A 202 -1.15 -29.70 -47.17
CA GLU A 202 -2.14 -30.40 -48.00
C GLU A 202 -2.97 -31.42 -47.19
N LEU A 203 -2.29 -32.20 -46.36
CA LEU A 203 -2.97 -33.20 -45.51
C LEU A 203 -3.93 -32.53 -44.53
N ALA A 204 -3.51 -31.41 -43.95
CA ALA A 204 -4.36 -30.63 -43.05
C ALA A 204 -5.54 -30.03 -43.81
N ARG A 205 -5.30 -29.57 -45.04
CA ARG A 205 -6.34 -28.98 -45.88
C ARG A 205 -7.42 -30.02 -46.25
N LYS A 206 -6.97 -31.17 -46.75
CA LYS A 206 -7.89 -32.23 -47.19
C LYS A 206 -8.73 -32.78 -46.05
N ALA A 207 -8.09 -33.08 -44.92
CA ALA A 207 -8.80 -33.54 -43.74
C ALA A 207 -9.83 -32.51 -43.28
N PHE A 208 -9.41 -31.25 -43.23
CA PHE A 208 -10.29 -30.15 -42.85
C PHE A 208 -11.48 -30.02 -43.79
N ASP A 209 -11.22 -30.12 -45.09
CA ASP A 209 -12.29 -30.00 -46.09
C ASP A 209 -13.29 -31.15 -46.04
N ALA A 210 -12.79 -32.38 -45.88
CA ALA A 210 -13.65 -33.54 -45.68
C ALA A 210 -14.58 -33.37 -44.48
N ALA A 211 -14.04 -32.81 -43.39
CA ALA A 211 -14.82 -32.52 -42.18
C ALA A 211 -15.84 -31.41 -42.43
N ILE A 212 -15.47 -30.43 -43.26
CA ILE A 212 -16.39 -29.34 -43.58
C ILE A 212 -17.60 -29.82 -44.41
N THR A 213 -17.40 -30.87 -45.22
CA THR A 213 -18.51 -31.48 -45.98
C THR A 213 -19.60 -32.06 -45.07
N ASP A 214 -19.17 -32.81 -44.06
CA ASP A 214 -20.09 -33.45 -43.11
C ASP A 214 -20.44 -32.55 -41.91
N LEU A 215 -20.04 -31.28 -41.95
CA LEU A 215 -20.31 -30.31 -40.88
C LEU A 215 -21.77 -30.34 -40.40
N ASP A 216 -22.69 -30.60 -41.33
CA ASP A 216 -24.11 -30.77 -41.00
C ASP A 216 -24.38 -31.89 -39.99
N LYS A 217 -23.51 -32.91 -39.96
CA LYS A 217 -23.66 -34.01 -39.02
C LYS A 217 -23.22 -33.66 -37.60
N LEU A 218 -22.34 -32.67 -37.45
CA LEU A 218 -21.90 -32.20 -36.13
C LEU A 218 -22.82 -31.11 -35.57
N THR A 219 -23.69 -30.59 -36.43
CA THR A 219 -24.58 -29.48 -36.09
C THR A 219 -25.97 -30.02 -35.75
N GLU A 220 -26.71 -29.30 -34.89
CA GLU A 220 -28.12 -29.63 -34.68
C GLU A 220 -28.89 -29.07 -35.87
N GLU A 221 -30.10 -29.59 -36.09
CA GLU A 221 -30.94 -29.12 -37.19
C GLU A 221 -31.33 -27.64 -36.99
N SER A 222 -31.22 -27.17 -35.75
CA SER A 222 -31.46 -25.76 -35.42
C SER A 222 -30.55 -24.79 -36.18
N TYR A 223 -29.32 -25.21 -36.47
CA TYR A 223 -28.33 -24.34 -37.11
C TYR A 223 -27.91 -24.80 -38.51
N LYS A 224 -28.61 -25.77 -39.08
CA LYS A 224 -28.20 -26.39 -40.35
C LYS A 224 -28.04 -25.41 -41.51
N ASP A 225 -28.75 -24.28 -41.47
CA ASP A 225 -28.62 -23.24 -42.50
C ASP A 225 -27.32 -22.44 -42.37
N SER A 226 -26.90 -22.14 -41.14
CA SER A 226 -25.60 -21.49 -40.88
C SER A 226 -24.48 -22.40 -41.36
N THR A 227 -24.56 -23.68 -40.96
CA THR A 227 -23.65 -24.73 -41.43
C THR A 227 -23.53 -24.76 -42.95
N LEU A 228 -24.64 -24.50 -43.64
CA LEU A 228 -24.66 -24.54 -45.11
C LEU A 228 -23.94 -23.34 -45.73
N ILE A 229 -24.19 -22.13 -45.25
CA ILE A 229 -23.49 -20.96 -45.77
C ILE A 229 -21.98 -21.15 -45.57
N MET A 230 -21.59 -21.62 -44.38
CA MET A 230 -20.18 -21.93 -44.10
C MET A 230 -19.60 -22.85 -45.17
N GLN A 231 -20.30 -23.93 -45.47
CA GLN A 231 -19.88 -24.84 -46.54
C GLN A 231 -19.77 -24.12 -47.88
N LEU A 232 -20.74 -23.27 -48.17
CA LEU A 232 -20.78 -22.51 -49.43
C LEU A 232 -19.63 -21.52 -49.50
N LEU A 233 -19.35 -20.85 -48.38
CA LEU A 233 -18.19 -19.95 -48.29
C LEU A 233 -16.91 -20.72 -48.64
N ARG A 234 -16.74 -21.87 -47.99
CA ARG A 234 -15.60 -22.74 -48.28
C ARG A 234 -15.58 -23.17 -49.74
N ASP A 235 -16.76 -23.44 -50.31
CA ASP A 235 -16.86 -23.83 -51.72
C ASP A 235 -16.34 -22.73 -52.64
N ASN A 236 -16.82 -21.53 -52.43
CA ASN A 236 -16.39 -20.45 -53.30
C ASN A 236 -14.92 -20.23 -53.10
N LEU A 237 -14.45 -20.32 -51.86
CA LEU A 237 -13.05 -20.08 -51.58
C LEU A 237 -12.20 -21.09 -52.31
N ASN A 238 -12.62 -22.33 -52.31
CA ASN A 238 -11.84 -23.32 -53.02
C ASN A 238 -11.84 -22.98 -54.49
N LEU A 239 -12.99 -22.63 -55.01
CA LEU A 239 -13.14 -22.47 -56.45
C LEU A 239 -12.26 -21.35 -56.93
N TRP A 240 -12.29 -20.24 -56.24
CA TRP A 240 -11.38 -19.19 -56.53
C TRP A 240 -10.14 -19.81 -56.05
N VAL A 241 -8.99 -19.41 -56.58
CA VAL A 241 -7.83 -20.23 -56.43
C VAL A 241 -7.92 -21.21 -57.59
N THR A 242 -8.87 -20.96 -58.47
CA THR A 242 -8.98 -21.69 -59.71
C THR A 242 -7.67 -21.52 -60.45
N ALA B 7 38.12 -30.92 -15.59
CA ALA B 7 36.96 -30.18 -15.02
C ALA B 7 37.17 -29.96 -13.51
N GLU B 8 36.49 -28.95 -12.97
CA GLU B 8 36.62 -28.55 -11.56
C GLU B 8 35.43 -28.97 -10.73
N ALA B 9 35.62 -29.05 -9.41
CA ALA B 9 34.56 -29.43 -8.48
C ALA B 9 33.44 -28.40 -8.46
N PHE B 10 32.21 -28.86 -8.30
CA PHE B 10 31.08 -27.95 -8.10
C PHE B 10 31.28 -27.20 -6.79
N THR B 11 30.81 -25.95 -6.77
CA THR B 11 30.89 -25.11 -5.58
C THR B 11 29.48 -24.72 -5.15
N ARG B 12 29.36 -24.14 -3.96
CA ARG B 12 28.06 -23.72 -3.44
C ARG B 12 27.30 -22.90 -4.47
N GLU B 13 28.01 -22.01 -5.16
CA GLU B 13 27.38 -21.13 -6.14
C GLU B 13 26.84 -21.90 -7.36
N ASP B 14 27.51 -22.99 -7.72
CA ASP B 14 27.04 -23.89 -8.78
C ASP B 14 25.75 -24.57 -8.34
N TYR B 15 25.72 -25.03 -7.09
CA TYR B 15 24.58 -25.78 -6.55
C TYR B 15 23.31 -24.92 -6.41
N VAL B 16 23.49 -23.63 -6.16
CA VAL B 16 22.38 -22.68 -6.10
C VAL B 16 21.81 -22.46 -7.49
N PHE B 17 22.67 -22.52 -8.51
CA PHE B 17 22.23 -22.42 -9.88
C PHE B 17 21.39 -23.64 -10.28
N MET B 18 21.84 -24.83 -9.89
CA MET B 18 21.06 -26.06 -10.11
C MET B 18 19.72 -25.97 -9.42
N ALA B 19 19.74 -25.55 -8.16
CA ALA B 19 18.50 -25.33 -7.39
C ALA B 19 17.52 -24.50 -8.22
N GLN B 20 18.04 -23.45 -8.83
CA GLN B 20 17.23 -22.55 -9.63
C GLN B 20 16.81 -23.17 -10.96
N LEU B 21 17.68 -23.98 -11.56
CA LEU B 21 17.31 -24.72 -12.77
C LEU B 21 16.20 -25.69 -12.46
N ASN B 22 16.37 -26.43 -11.36
CA ASN B 22 15.35 -27.35 -10.88
C ASN B 22 14.00 -26.64 -10.80
N GLU B 23 13.99 -25.45 -10.21
CA GLU B 23 12.76 -24.64 -10.06
C GLU B 23 12.18 -24.24 -11.41
N ASN B 24 13.02 -23.82 -12.34
CA ASN B 24 12.57 -23.43 -13.68
C ASN B 24 11.92 -24.58 -14.42
N ALA B 25 12.49 -25.77 -14.27
CA ALA B 25 11.96 -26.98 -14.88
C ALA B 25 10.74 -27.53 -14.13
N GLU B 26 10.34 -26.88 -13.04
CA GLU B 26 9.29 -27.36 -12.16
C GLU B 26 9.53 -28.82 -11.73
N ARG B 27 10.80 -29.13 -11.44
CA ARG B 27 11.22 -30.44 -10.96
C ARG B 27 11.68 -30.32 -9.51
N TYR B 28 10.72 -30.42 -8.59
CA TYR B 28 10.93 -30.03 -7.19
C TYR B 28 11.50 -31.12 -6.29
N ASP B 29 11.50 -32.36 -6.76
CA ASP B 29 12.21 -33.43 -6.07
C ASP B 29 13.71 -33.20 -6.17
N GLU B 30 14.18 -32.92 -7.38
CA GLU B 30 15.58 -32.62 -7.62
C GLU B 30 16.01 -31.31 -6.96
N MET B 31 15.03 -30.41 -6.78
CA MET B 31 15.28 -29.14 -6.08
C MET B 31 15.53 -29.42 -4.60
N VAL B 32 14.66 -30.22 -3.98
CA VAL B 32 14.79 -30.57 -2.57
C VAL B 32 16.12 -31.29 -2.30
N GLU B 33 16.62 -32.04 -3.28
CA GLU B 33 17.88 -32.74 -3.14
C GLU B 33 19.08 -31.80 -3.22
N THR B 34 19.14 -30.95 -4.24
CA THR B 34 20.26 -30.02 -4.39
C THR B 34 20.23 -28.99 -3.25
N MET B 35 19.06 -28.71 -2.72
CA MET B 35 18.95 -27.83 -1.56
C MET B 35 19.37 -28.52 -0.28
N ARG B 36 19.15 -29.83 -0.20
CA ARG B 36 19.70 -30.62 0.91
C ARG B 36 21.21 -30.60 0.84
N LYS B 37 21.75 -30.68 -0.37
CA LYS B 37 23.20 -30.69 -0.59
C LYS B 37 23.84 -29.39 -0.10
N ILE B 38 23.19 -28.26 -0.34
CA ILE B 38 23.67 -26.96 0.12
C ILE B 38 23.56 -26.85 1.65
N SER B 39 22.56 -27.48 2.23
CA SER B 39 22.36 -27.47 3.68
C SER B 39 23.52 -28.14 4.42
N GLY B 40 24.14 -29.11 3.77
CA GLY B 40 25.30 -29.81 4.32
C GLY B 40 26.60 -29.04 4.19
N MET B 41 26.65 -28.10 3.25
CA MET B 41 27.84 -27.26 3.06
C MET B 41 27.97 -26.22 4.18
N GLU B 42 29.14 -25.57 4.23
CA GLU B 42 29.51 -24.66 5.34
C GLU B 42 28.47 -23.58 5.67
N GLY B 43 28.35 -23.31 6.97
CA GLY B 43 27.64 -22.12 7.45
C GLY B 43 26.13 -22.23 7.56
N GLU B 44 25.48 -21.08 7.39
CA GLU B 44 24.03 -20.96 7.46
C GLU B 44 23.52 -20.58 6.08
N LEU B 45 22.25 -20.89 5.80
CA LEU B 45 21.65 -20.57 4.50
C LEU B 45 21.37 -19.08 4.38
N SER B 46 21.71 -18.50 3.23
CA SER B 46 21.39 -17.10 2.93
C SER B 46 19.88 -16.94 2.72
N ASP B 47 19.41 -15.70 2.71
CA ASP B 47 17.99 -15.44 2.51
C ASP B 47 17.51 -16.00 1.18
N LYS B 48 18.32 -15.81 0.14
CA LYS B 48 18.04 -16.38 -1.17
C LYS B 48 17.83 -17.89 -1.05
N GLU B 49 18.76 -18.53 -0.34
CA GLU B 49 18.77 -19.99 -0.18
C GLU B 49 17.64 -20.50 0.71
N ARG B 50 17.26 -19.73 1.71
CA ARG B 50 16.09 -20.07 2.53
C ARG B 50 14.80 -20.08 1.71
N ASN B 51 14.69 -19.18 0.75
CA ASN B 51 13.52 -19.17 -0.16
C ASN B 51 13.49 -20.42 -1.01
N LEU B 52 14.65 -20.73 -1.61
CA LEU B 52 14.79 -21.92 -2.43
C LEU B 52 14.42 -23.17 -1.62
N LEU B 53 14.89 -23.24 -0.38
CA LEU B 53 14.54 -24.33 0.52
C LEU B 53 13.02 -24.39 0.71
N SER B 54 12.43 -23.24 1.03
CA SER B 54 10.97 -23.15 1.21
C SER B 54 10.20 -23.53 -0.05
N VAL B 55 10.57 -22.90 -1.17
CA VAL B 55 9.94 -23.17 -2.46
C VAL B 55 9.95 -24.67 -2.77
N ALA B 56 11.11 -25.30 -2.56
CA ALA B 56 11.28 -26.73 -2.88
C ALA B 56 10.34 -27.64 -2.09
N TYR B 57 10.37 -27.51 -0.76
CA TYR B 57 9.53 -28.37 0.09
C TYR B 57 8.03 -28.06 -0.03
N LYS B 58 7.66 -26.83 -0.36
CA LYS B 58 6.25 -26.47 -0.54
C LYS B 58 5.64 -27.16 -1.75
N ASN B 59 6.41 -27.20 -2.85
CA ASN B 59 5.96 -27.79 -4.11
C ASN B 59 6.12 -29.31 -4.19
N VAL B 60 6.67 -29.91 -3.12
CA VAL B 60 6.69 -31.35 -2.98
C VAL B 60 5.52 -31.76 -2.10
N ILE B 61 5.34 -31.06 -0.98
CA ILE B 61 4.24 -31.35 -0.06
C ILE B 61 2.90 -30.93 -0.67
N GLY B 62 2.91 -29.79 -1.36
CA GLY B 62 1.68 -29.19 -1.92
C GLY B 62 0.83 -30.16 -2.71
N PRO B 63 1.40 -30.77 -3.77
CA PRO B 63 0.69 -31.78 -4.56
C PRO B 63 0.07 -32.92 -3.73
N ARG B 64 0.75 -33.37 -2.69
CA ARG B 64 0.23 -34.44 -1.83
C ARG B 64 -1.00 -33.98 -1.03
N ARG B 65 -0.95 -32.73 -0.57
CA ARG B 65 -2.07 -32.15 0.18
C ARG B 65 -3.28 -31.93 -0.72
N ALA B 66 -3.02 -31.53 -1.98
CA ALA B 66 -4.07 -31.39 -2.98
C ALA B 66 -4.75 -32.73 -3.21
N ALA B 67 -3.94 -33.76 -3.45
CA ALA B 67 -4.43 -35.12 -3.66
C ALA B 67 -5.18 -35.64 -2.43
N TRP B 68 -4.61 -35.40 -1.25
CA TRP B 68 -5.23 -35.86 0.00
C TRP B 68 -6.60 -35.29 0.16
N ARG B 69 -6.77 -34.01 -0.18
CA ARG B 69 -8.07 -33.35 -0.07
C ARG B 69 -9.06 -33.90 -1.12
N ILE B 70 -8.59 -34.14 -2.34
CA ILE B 70 -9.43 -34.69 -3.40
C ILE B 70 -9.91 -36.10 -3.06
N VAL B 71 -8.97 -36.95 -2.65
CA VAL B 71 -9.28 -38.33 -2.30
C VAL B 71 -10.20 -38.41 -1.08
N SER B 72 -9.93 -37.59 -0.06
CA SER B 72 -10.79 -37.50 1.13
C SER B 72 -12.21 -37.05 0.77
N SER B 73 -12.31 -36.18 -0.24
CA SER B 73 -13.60 -35.73 -0.71
C SER B 73 -14.34 -36.85 -1.42
N ILE B 74 -13.63 -37.59 -2.27
CA ILE B 74 -14.19 -38.73 -2.99
C ILE B 74 -14.60 -39.85 -2.02
N GLU B 75 -13.84 -40.02 -0.95
CA GLU B 75 -14.19 -40.96 0.12
C GLU B 75 -15.49 -40.55 0.79
N ALA B 76 -15.63 -39.26 1.06
CA ALA B 76 -16.83 -38.73 1.69
C ALA B 76 -18.05 -39.07 0.84
N LYS B 77 -17.99 -38.71 -0.45
CA LYS B 77 -19.09 -39.01 -1.38
C LYS B 77 -19.47 -40.48 -1.36
N GLU B 78 -18.48 -41.34 -1.60
CA GLU B 78 -18.70 -42.78 -1.73
C GLU B 78 -19.35 -43.40 -0.49
N LYS B 79 -19.00 -42.87 0.69
CA LYS B 79 -19.56 -43.35 1.96
C LYS B 79 -21.02 -42.92 2.13
N GLY B 80 -21.33 -41.69 1.73
CA GLY B 80 -22.69 -41.15 1.88
C GLY B 80 -23.61 -41.42 0.70
N ARG B 81 -23.40 -42.55 0.03
CA ARG B 81 -24.21 -42.93 -1.12
C ARG B 81 -25.45 -43.67 -0.67
N GLN B 82 -26.42 -43.79 -1.57
CA GLN B 82 -27.57 -44.65 -1.34
C GLN B 82 -27.11 -46.12 -1.37
N LYS B 83 -26.19 -46.43 -2.29
CA LYS B 83 -25.70 -47.80 -2.49
C LYS B 83 -24.17 -47.81 -2.42
N PRO B 84 -23.60 -47.59 -1.22
CA PRO B 84 -22.14 -47.53 -1.05
C PRO B 84 -21.41 -48.73 -1.62
N ASN B 85 -20.24 -48.51 -2.21
CA ASN B 85 -19.47 -49.56 -2.84
C ASN B 85 -18.30 -50.00 -1.95
N ALA B 86 -18.54 -51.02 -1.13
CA ALA B 86 -17.54 -51.54 -0.18
C ALA B 86 -16.19 -51.81 -0.83
N LYS B 87 -16.20 -52.25 -2.08
CA LYS B 87 -14.99 -52.50 -2.84
C LYS B 87 -14.16 -51.23 -3.02
N ARG B 88 -14.85 -50.11 -3.29
CA ARG B 88 -14.19 -48.82 -3.55
C ARG B 88 -13.68 -48.16 -2.29
N ILE B 89 -14.47 -48.20 -1.23
CA ILE B 89 -14.14 -47.52 0.01
C ILE B 89 -12.83 -48.07 0.58
N GLU B 90 -12.61 -49.38 0.41
CA GLU B 90 -11.32 -50.00 0.77
C GLU B 90 -10.23 -49.51 -0.15
N GLN B 91 -10.52 -49.46 -1.45
CA GLN B 91 -9.58 -48.92 -2.42
C GLN B 91 -9.18 -47.48 -2.11
N ILE B 92 -10.18 -46.64 -1.85
CA ILE B 92 -9.93 -45.23 -1.54
C ILE B 92 -9.15 -45.07 -0.24
N ARG B 93 -9.59 -45.76 0.82
CA ARG B 93 -8.89 -45.71 2.10
C ARG B 93 -7.39 -45.98 1.96
N VAL B 94 -7.05 -47.15 1.42
CA VAL B 94 -5.65 -47.56 1.23
C VAL B 94 -4.87 -46.48 0.47
N TYR B 95 -5.52 -45.89 -0.53
CA TYR B 95 -4.91 -44.85 -1.37
C TYR B 95 -4.65 -43.58 -0.57
N ARG B 96 -5.64 -43.15 0.21
CA ARG B 96 -5.45 -42.00 1.09
C ARG B 96 -4.25 -42.24 2.02
N GLN B 97 -4.22 -43.42 2.63
CA GLN B 97 -3.16 -43.78 3.56
C GLN B 97 -1.78 -43.76 2.91
N LYS B 98 -1.70 -44.15 1.64
CA LYS B 98 -0.43 -44.10 0.92
C LYS B 98 0.04 -42.65 0.82
N ILE B 99 -0.91 -41.76 0.50
CA ILE B 99 -0.61 -40.34 0.39
C ILE B 99 -0.23 -39.78 1.76
N GLU B 100 -0.89 -40.27 2.81
CA GLU B 100 -0.59 -39.84 4.17
C GLU B 100 0.86 -40.21 4.55
N LYS B 101 1.30 -41.40 4.14
CA LYS B 101 2.68 -41.82 4.39
C LYS B 101 3.65 -40.84 3.74
N GLU B 102 3.41 -40.55 2.45
CA GLU B 102 4.24 -39.60 1.71
C GLU B 102 4.27 -38.24 2.40
N LEU B 103 3.09 -37.76 2.82
CA LEU B 103 3.01 -36.54 3.59
C LEU B 103 3.93 -36.60 4.82
N SER B 104 3.87 -37.71 5.56
CA SER B 104 4.65 -37.88 6.79
C SER B 104 6.16 -37.93 6.54
N ASP B 105 6.58 -38.56 5.44
CA ASP B 105 8.00 -38.67 5.13
C ASP B 105 8.57 -37.29 4.80
N ILE B 106 7.84 -36.54 3.97
CA ILE B 106 8.26 -35.20 3.58
C ILE B 106 8.35 -34.29 4.79
N CYS B 107 7.34 -34.36 5.65
CA CYS B 107 7.30 -33.52 6.85
C CYS B 107 8.45 -33.83 7.79
N ASN B 108 8.68 -35.12 8.07
CA ASN B 108 9.79 -35.56 8.92
C ASN B 108 11.13 -35.10 8.37
N ASP B 109 11.38 -35.41 7.11
CA ASP B 109 12.58 -34.99 6.42
C ASP B 109 12.97 -33.55 6.78
N ILE B 110 12.03 -32.63 6.58
CA ILE B 110 12.30 -31.20 6.77
C ILE B 110 12.29 -30.80 8.24
N LEU B 111 11.38 -31.36 9.03
CA LEU B 111 11.33 -31.09 10.46
C LEU B 111 12.60 -31.57 11.14
N LYS B 112 13.12 -32.71 10.67
CA LYS B 112 14.39 -33.24 11.16
C LYS B 112 15.52 -32.28 10.84
N LEU B 113 15.60 -31.85 9.58
CA LEU B 113 16.56 -30.85 9.14
C LEU B 113 16.48 -29.56 9.96
N LEU B 114 15.27 -29.07 10.20
CA LEU B 114 15.07 -27.84 10.96
C LEU B 114 15.59 -27.97 12.39
N GLN B 115 15.17 -29.04 13.06
CA GLN B 115 15.51 -29.27 14.47
C GLN B 115 16.97 -29.63 14.71
N GLU B 116 17.61 -30.29 13.76
CA GLU B 116 18.99 -30.74 13.92
C GLU B 116 20.03 -29.82 13.29
N GLN B 117 19.64 -29.07 12.27
CA GLN B 117 20.61 -28.30 11.48
C GLN B 117 20.34 -26.80 11.46
N PHE B 118 19.16 -26.41 11.00
CA PHE B 118 18.91 -25.00 10.68
C PHE B 118 18.69 -24.12 11.91
N VAL B 119 17.81 -24.55 12.81
CA VAL B 119 17.52 -23.78 14.04
C VAL B 119 18.70 -23.75 15.02
N PRO B 120 19.38 -24.90 15.22
CA PRO B 120 20.62 -24.91 16.01
C PRO B 120 21.72 -23.98 15.49
N ARG B 121 22.03 -24.04 14.20
CA ARG B 121 23.09 -23.23 13.60
C ARG B 121 22.65 -21.81 13.23
N SER B 122 21.42 -21.43 13.61
CA SER B 122 20.90 -20.12 13.29
C SER B 122 21.46 -19.05 14.21
N THR B 123 22.02 -17.99 13.63
CA THR B 123 22.61 -16.88 14.39
C THR B 123 21.77 -15.59 14.35
N ASN B 124 21.09 -15.36 13.22
CA ASN B 124 20.22 -14.19 13.06
C ASN B 124 18.88 -14.33 13.76
N ALA B 125 18.18 -13.20 13.91
CA ALA B 125 16.78 -13.19 14.33
C ALA B 125 15.94 -13.54 13.12
N ASP B 126 16.21 -12.82 12.03
CA ASP B 126 15.58 -13.05 10.73
C ASP B 126 15.43 -14.53 10.43
N ALA B 127 16.54 -15.27 10.50
CA ALA B 127 16.55 -16.70 10.20
C ALA B 127 15.80 -17.54 11.23
N LYS B 128 15.99 -17.25 12.51
CA LYS B 128 15.29 -17.98 13.59
C LYS B 128 13.77 -18.01 13.39
N VAL B 129 13.20 -16.86 13.04
CA VAL B 129 11.75 -16.76 12.83
C VAL B 129 11.35 -17.63 11.64
N PHE B 130 12.10 -17.52 10.55
CA PHE B 130 11.81 -18.28 9.33
C PHE B 130 11.78 -19.78 9.60
N TYR B 131 12.80 -20.29 10.30
CA TYR B 131 12.91 -21.71 10.58
C TYR B 131 11.87 -22.18 11.60
N TYR B 132 11.59 -21.37 12.61
CA TYR B 132 10.55 -21.73 13.58
C TYR B 132 9.18 -21.73 12.90
N LYS B 133 8.91 -20.70 12.09
CA LYS B 133 7.69 -20.66 11.30
C LYS B 133 7.55 -21.93 10.48
N MET B 134 8.66 -22.35 9.86
CA MET B 134 8.66 -23.52 9.00
C MET B 134 8.27 -24.78 9.79
N GLN B 135 8.88 -24.96 10.96
CA GLN B 135 8.52 -26.08 11.84
C GLN B 135 7.02 -26.08 12.09
N GLY B 136 6.50 -24.94 12.54
CA GLY B 136 5.08 -24.78 12.76
C GLY B 136 4.28 -25.25 11.55
N ASP B 137 4.68 -24.79 10.37
CA ASP B 137 3.97 -25.12 9.13
C ASP B 137 3.96 -26.63 8.87
N TYR B 138 5.14 -27.24 8.86
CA TYR B 138 5.23 -28.68 8.54
C TYR B 138 4.69 -29.58 9.66
N TYR B 139 4.73 -29.10 10.90
CA TYR B 139 3.96 -29.75 11.98
C TYR B 139 2.47 -29.62 11.72
N ARG B 140 2.04 -28.42 11.34
CA ARG B 140 0.63 -28.18 11.02
C ARG B 140 0.14 -29.13 9.93
N TYR B 141 0.98 -29.37 8.92
CA TYR B 141 0.60 -30.25 7.82
C TYR B 141 0.40 -31.69 8.28
N LEU B 142 1.19 -32.12 9.27
CA LEU B 142 0.98 -33.42 9.90
C LEU B 142 -0.32 -33.42 10.68
N ALA B 143 -0.56 -32.37 11.45
CA ALA B 143 -1.80 -32.21 12.21
C ALA B 143 -3.05 -32.20 11.32
N GLU B 144 -2.86 -31.85 10.05
CA GLU B 144 -3.94 -31.70 9.08
C GLU B 144 -4.73 -33.00 8.84
N TYR B 145 -4.03 -34.12 8.83
CA TYR B 145 -4.65 -35.40 8.61
C TYR B 145 -4.53 -36.38 9.78
N SER B 146 -3.84 -35.94 10.83
CA SER B 146 -3.62 -36.80 11.98
C SER B 146 -4.91 -36.93 12.75
N SER B 147 -5.04 -38.04 13.46
CA SER B 147 -6.32 -38.35 14.10
C SER B 147 -6.25 -38.44 15.61
N GLY B 148 -7.16 -37.74 16.26
CA GLY B 148 -7.36 -37.90 17.69
C GLY B 148 -6.16 -37.61 18.57
N GLU B 149 -5.83 -38.57 19.41
CA GLU B 149 -4.81 -38.40 20.44
C GLU B 149 -3.46 -38.08 19.83
N ASP B 150 -3.16 -38.72 18.71
CA ASP B 150 -1.88 -38.50 18.07
C ASP B 150 -1.72 -37.06 17.62
N LYS B 151 -2.79 -36.47 17.11
CA LYS B 151 -2.75 -35.12 16.59
C LYS B 151 -2.39 -34.14 17.67
N GLU B 152 -2.90 -34.36 18.87
CA GLU B 152 -2.74 -33.40 19.94
C GLU B 152 -1.27 -33.22 20.23
N LYS B 153 -0.52 -34.31 20.17
CA LYS B 153 0.90 -34.20 20.39
C LYS B 153 1.51 -33.33 19.31
N ILE B 154 1.10 -33.54 18.06
CA ILE B 154 1.62 -32.74 16.96
C ILE B 154 1.22 -31.28 17.07
N ALA B 155 -0.02 -31.03 17.44
CA ALA B 155 -0.48 -29.66 17.50
C ALA B 155 0.38 -28.93 18.51
N GLY B 156 0.70 -29.60 19.60
CA GLY B 156 1.58 -29.01 20.60
C GLY B 156 2.92 -28.58 20.03
N SER B 157 3.54 -29.43 19.23
CA SER B 157 4.81 -29.10 18.57
C SER B 157 4.67 -27.89 17.65
N ALA B 158 3.55 -27.83 16.92
CA ALA B 158 3.24 -26.71 16.04
C ALA B 158 3.11 -25.43 16.87
N LEU B 159 2.26 -25.49 17.89
CA LEU B 159 2.01 -24.35 18.78
C LEU B 159 3.30 -23.84 19.41
N ASN B 160 4.17 -24.76 19.82
CA ASN B 160 5.49 -24.40 20.36
C ASN B 160 6.35 -23.65 19.33
N ALA B 161 6.56 -24.27 18.18
CA ALA B 161 7.37 -23.68 17.11
C ALA B 161 6.85 -22.31 16.69
N TYR B 162 5.52 -22.22 16.56
CA TYR B 162 4.88 -20.96 16.19
C TYR B 162 5.07 -19.88 17.27
N ASN B 163 4.88 -20.23 18.54
CA ASN B 163 5.13 -19.28 19.65
C ASN B 163 6.58 -18.81 19.70
N SER B 164 7.51 -19.74 19.48
CA SER B 164 8.93 -19.41 19.37
C SER B 164 9.15 -18.43 18.22
N ALA B 165 8.59 -18.75 17.06
CA ALA B 165 8.61 -17.84 15.92
C ALA B 165 8.06 -16.47 16.32
N PHE B 166 6.87 -16.49 16.93
CA PHE B 166 6.15 -15.27 17.32
C PHE B 166 6.97 -14.37 18.26
N GLU B 167 7.70 -14.98 19.18
CA GLU B 167 8.55 -14.23 20.14
C GLU B 167 9.65 -13.45 19.44
N ILE B 168 10.50 -14.14 18.67
CA ILE B 168 11.61 -13.49 18.00
C ILE B 168 11.10 -12.55 16.91
N SER B 169 9.93 -12.85 16.36
CA SER B 169 9.29 -12.00 15.34
C SER B 169 9.11 -10.56 15.78
N GLN B 170 8.91 -10.33 17.07
CA GLN B 170 8.67 -8.99 17.61
C GLN B 170 9.84 -8.04 17.37
N GLN B 171 11.04 -8.61 17.18
CA GLN B 171 12.21 -7.82 16.81
C GLN B 171 12.12 -7.25 15.39
N LEU B 172 11.43 -7.96 14.50
CA LEU B 172 11.34 -7.53 13.10
C LEU B 172 10.24 -6.48 12.92
N PRO B 173 10.42 -5.53 11.97
CA PRO B 173 9.40 -4.54 11.63
C PRO B 173 8.03 -5.17 11.36
N PRO B 174 6.94 -4.44 11.66
CA PRO B 174 5.59 -4.97 11.39
C PRO B 174 5.30 -5.26 9.90
N THR B 175 6.04 -4.65 8.99
CA THR B 175 5.87 -4.92 7.55
C THR B 175 6.80 -6.00 7.00
N HIS B 176 7.63 -6.60 7.86
CA HIS B 176 8.57 -7.63 7.43
C HIS B 176 7.84 -8.86 6.99
N PRO B 177 8.13 -9.37 5.76
CA PRO B 177 7.41 -10.52 5.19
C PRO B 177 7.36 -11.76 6.10
N ILE B 178 8.45 -12.04 6.79
CA ILE B 178 8.54 -13.19 7.70
C ILE B 178 7.56 -13.04 8.87
N ARG B 179 7.45 -11.83 9.41
CA ARG B 179 6.55 -11.55 10.51
C ARG B 179 5.09 -11.68 10.06
N LEU B 180 4.72 -10.95 9.01
CA LEU B 180 3.38 -11.03 8.42
C LEU B 180 3.06 -12.45 7.95
N GLY B 181 4.06 -13.14 7.42
CA GLY B 181 3.93 -14.53 7.01
C GLY B 181 3.63 -15.45 8.18
N LEU B 182 4.33 -15.23 9.29
CA LEU B 182 4.10 -16.02 10.51
C LEU B 182 2.68 -15.79 11.02
N ALA B 183 2.30 -14.51 11.12
CA ALA B 183 0.97 -14.14 11.61
C ALA B 183 -0.10 -14.85 10.80
N LEU B 184 0.03 -14.83 9.48
CA LEU B 184 -0.94 -15.46 8.59
C LEU B 184 -1.09 -16.95 8.88
N ASN B 185 0.04 -17.65 9.00
CA ASN B 185 0.02 -19.10 9.20
C ASN B 185 -0.33 -19.52 10.61
N PHE B 186 0.11 -18.75 11.60
CA PHE B 186 -0.24 -18.99 12.98
C PHE B 186 -1.75 -18.84 13.15
N SER B 187 -2.30 -17.77 12.57
CA SER B 187 -3.75 -17.53 12.63
C SER B 187 -4.52 -18.68 11.99
N VAL B 188 -4.02 -19.16 10.85
CA VAL B 188 -4.62 -20.30 10.17
C VAL B 188 -4.49 -21.57 11.02
N PHE B 189 -3.36 -21.71 11.71
CA PHE B 189 -3.16 -22.84 12.62
C PHE B 189 -4.20 -22.85 13.75
N TYR B 190 -4.43 -21.70 14.36
CA TYR B 190 -5.47 -21.60 15.39
C TYR B 190 -6.82 -21.99 14.83
N TYR B 191 -7.21 -21.35 13.72
CA TYR B 191 -8.52 -21.57 13.14
C TYR B 191 -8.73 -23.01 12.72
N GLU B 192 -7.84 -23.52 11.88
CA GLU B 192 -8.03 -24.80 11.20
C GLU B 192 -7.58 -26.04 11.99
N ILE B 193 -6.60 -25.90 12.89
CA ILE B 193 -6.13 -27.05 13.67
C ILE B 193 -6.63 -27.02 15.10
N LEU B 194 -6.48 -25.88 15.78
CA LEU B 194 -6.89 -25.77 17.19
C LEU B 194 -8.36 -25.43 17.38
N ALA B 195 -9.08 -25.18 16.29
CA ALA B 195 -10.50 -24.80 16.33
C ALA B 195 -10.72 -23.58 17.24
N SER B 196 -9.93 -22.53 17.01
CA SER B 196 -9.98 -21.32 17.83
C SER B 196 -10.14 -20.05 16.98
N PRO B 197 -11.38 -19.78 16.51
CA PRO B 197 -11.66 -18.62 15.67
C PRO B 197 -11.40 -17.30 16.38
N ASP B 198 -11.71 -17.25 17.68
CA ASP B 198 -11.38 -16.10 18.53
C ASP B 198 -9.91 -15.70 18.36
N ARG B 199 -8.99 -16.56 18.77
CA ARG B 199 -7.55 -16.26 18.70
C ARG B 199 -7.02 -16.10 17.27
N ALA B 200 -7.61 -16.84 16.33
CA ALA B 200 -7.25 -16.72 14.92
C ALA B 200 -7.47 -15.29 14.42
N CYS B 201 -8.66 -14.75 14.67
CA CYS B 201 -9.03 -13.41 14.21
C CYS B 201 -8.20 -12.33 14.91
N GLU B 202 -8.05 -12.44 16.24
CA GLU B 202 -7.22 -11.50 17.00
C GLU B 202 -5.82 -11.40 16.41
N LEU B 203 -5.21 -12.55 16.18
CA LEU B 203 -3.83 -12.63 15.72
C LEU B 203 -3.66 -12.08 14.31
N ALA B 204 -4.60 -12.41 13.42
CA ALA B 204 -4.60 -11.88 12.05
C ALA B 204 -4.91 -10.39 12.03
N ARG B 205 -5.86 -9.97 12.85
CA ARG B 205 -6.30 -8.58 12.91
C ARG B 205 -5.17 -7.68 13.40
N LYS B 206 -4.51 -8.08 14.48
CA LYS B 206 -3.40 -7.31 15.04
C LYS B 206 -2.26 -7.17 14.04
N ALA B 207 -1.86 -8.31 13.46
CA ALA B 207 -0.80 -8.34 12.45
C ALA B 207 -1.11 -7.40 11.29
N PHE B 208 -2.36 -7.47 10.82
CA PHE B 208 -2.80 -6.66 9.70
C PHE B 208 -2.81 -5.16 10.02
N ASP B 209 -3.23 -4.79 11.22
CA ASP B 209 -3.34 -3.38 11.60
C ASP B 209 -1.99 -2.70 11.83
N ALA B 210 -1.06 -3.41 12.48
CA ALA B 210 0.30 -2.89 12.65
C ALA B 210 0.99 -2.64 11.31
N ALA B 211 0.58 -3.41 10.29
CA ALA B 211 1.12 -3.27 8.93
C ALA B 211 0.53 -2.05 8.22
N ILE B 212 -0.77 -1.82 8.42
CA ILE B 212 -1.43 -0.65 7.85
C ILE B 212 -0.87 0.65 8.44
N THR B 213 -0.51 0.62 9.72
CA THR B 213 0.16 1.73 10.38
C THR B 213 1.46 2.13 9.68
N ASP B 214 2.21 1.13 9.23
CA ASP B 214 3.49 1.35 8.54
C ASP B 214 3.37 1.27 7.01
N LEU B 215 2.14 1.34 6.49
CA LEU B 215 1.90 1.22 5.05
C LEU B 215 2.63 2.29 4.25
N ASP B 216 2.86 3.46 4.87
CA ASP B 216 3.68 4.53 4.28
C ASP B 216 5.10 4.07 3.90
N LYS B 217 5.64 3.11 4.67
CA LYS B 217 7.00 2.61 4.44
C LYS B 217 7.08 1.64 3.26
N LEU B 218 5.98 0.94 2.97
CA LEU B 218 5.90 0.05 1.80
C LEU B 218 5.49 0.81 0.54
N THR B 219 4.90 1.98 0.74
CA THR B 219 4.32 2.76 -0.35
C THR B 219 5.36 3.69 -0.99
N GLU B 220 5.22 3.90 -2.30
CA GLU B 220 6.12 4.81 -3.04
C GLU B 220 5.84 6.25 -2.63
N GLU B 221 6.71 7.15 -3.04
CA GLU B 221 6.55 8.57 -2.75
C GLU B 221 5.34 9.15 -3.50
N SER B 222 5.09 8.63 -4.70
CA SER B 222 3.99 9.10 -5.55
C SER B 222 2.58 8.74 -5.03
N TYR B 223 2.50 7.76 -4.14
CA TYR B 223 1.20 7.23 -3.71
C TYR B 223 0.97 7.34 -2.19
N LYS B 224 1.61 8.32 -1.55
CA LYS B 224 1.51 8.46 -0.08
C LYS B 224 0.16 8.98 0.38
N ASP B 225 -0.44 9.89 -0.37
CA ASP B 225 -1.75 10.42 -0.05
C ASP B 225 -2.84 9.32 -0.02
N SER B 226 -2.75 8.37 -0.95
CA SER B 226 -3.69 7.24 -0.98
C SER B 226 -3.51 6.31 0.23
N THR B 227 -2.27 6.09 0.63
CA THR B 227 -1.97 5.30 1.81
C THR B 227 -2.60 5.94 3.05
N LEU B 228 -2.53 7.27 3.13
CA LEU B 228 -3.04 8.01 4.29
C LEU B 228 -4.54 7.88 4.39
N ILE B 229 -5.25 8.10 3.29
CA ILE B 229 -6.70 7.95 3.27
C ILE B 229 -7.10 6.53 3.66
N MET B 230 -6.31 5.54 3.21
CA MET B 230 -6.53 4.14 3.59
C MET B 230 -6.36 3.91 5.08
N GLN B 231 -5.34 4.51 5.67
CA GLN B 231 -5.13 4.44 7.12
C GLN B 231 -6.28 5.10 7.88
N LEU B 232 -6.71 6.28 7.42
CA LEU B 232 -7.82 7.01 8.07
C LEU B 232 -9.13 6.25 7.98
N LEU B 233 -9.36 5.60 6.84
CA LEU B 233 -10.49 4.69 6.66
C LEU B 233 -10.45 3.54 7.65
N ARG B 234 -9.26 2.97 7.85
CA ARG B 234 -9.07 1.91 8.83
C ARG B 234 -9.39 2.43 10.22
N ASP B 235 -8.81 3.58 10.55
CA ASP B 235 -9.00 4.20 11.87
C ASP B 235 -10.48 4.43 12.16
N ASN B 236 -11.18 5.04 11.20
CA ASN B 236 -12.61 5.30 11.35
C ASN B 236 -13.43 4.02 11.47
N LEU B 237 -13.08 2.99 10.72
CA LEU B 237 -13.78 1.70 10.79
C LEU B 237 -13.66 1.04 12.17
N ASN B 238 -12.49 1.13 12.79
CA ASN B 238 -12.27 0.56 14.12
C ASN B 238 -13.07 1.29 15.19
N LEU B 239 -13.08 2.62 15.15
CA LEU B 239 -13.84 3.41 16.10
C LEU B 239 -15.36 3.29 15.87
N TRP B 240 -15.77 3.09 14.61
CA TRP B 240 -17.19 2.89 14.29
C TRP B 240 -17.67 1.50 14.59
N VAL B 241 -16.86 0.48 14.33
CA VAL B 241 -17.26 -0.91 14.63
C VAL B 241 -17.57 -1.03 16.11
N THR B 242 -16.80 -0.32 16.94
CA THR B 242 -17.16 -0.09 18.33
C THR B 242 -18.38 0.84 18.36
N ASP B 243 -19.46 0.38 19.00
CA ASP B 243 -20.76 1.11 19.14
C ASP B 243 -21.88 0.30 18.47
N MET C 6 0.74 45.48 -13.44
CA MET C 6 1.45 44.30 -12.88
C MET C 6 0.54 43.07 -12.95
N ALA C 7 -0.70 43.20 -12.44
CA ALA C 7 -1.73 42.14 -12.58
C ALA C 7 -2.14 41.97 -14.06
N GLU C 8 -1.98 43.06 -14.81
CA GLU C 8 -2.18 43.09 -16.26
C GLU C 8 -1.18 42.21 -17.00
N ALA C 9 0.08 42.25 -16.54
CA ALA C 9 1.19 41.61 -17.24
C ALA C 9 1.40 40.13 -16.92
N PHE C 10 0.54 39.54 -16.09
CA PHE C 10 0.79 38.18 -15.59
C PHE C 10 0.18 37.07 -16.46
N THR C 11 0.90 35.95 -16.50
CA THR C 11 0.47 34.75 -17.20
C THR C 11 0.00 33.74 -16.17
N ARG C 12 -0.53 32.62 -16.64
CA ARG C 12 -1.07 31.61 -15.76
C ARG C 12 0.00 30.95 -14.90
N GLU C 13 1.23 30.89 -15.40
CA GLU C 13 2.34 30.38 -14.60
C GLU C 13 2.65 31.34 -13.46
N ASP C 14 2.51 32.64 -13.71
CA ASP C 14 2.78 33.68 -12.69
C ASP C 14 1.81 33.60 -11.52
N TYR C 15 0.54 33.36 -11.81
CA TYR C 15 -0.47 33.28 -10.77
C TYR C 15 -0.35 31.97 -9.99
N VAL C 16 -0.11 30.86 -10.70
CA VAL C 16 0.15 29.59 -10.04
C VAL C 16 1.35 29.72 -9.08
N PHE C 17 2.33 30.53 -9.45
CA PHE C 17 3.45 30.80 -8.56
C PHE C 17 2.97 31.57 -7.33
N MET C 18 2.25 32.68 -7.53
CA MET C 18 1.70 33.47 -6.42
C MET C 18 0.88 32.60 -5.48
N ALA C 19 0.03 31.76 -6.04
CA ALA C 19 -0.77 30.82 -5.26
C ALA C 19 0.14 30.04 -4.33
N GLN C 20 1.24 29.53 -4.87
CA GLN C 20 2.19 28.74 -4.10
C GLN C 20 3.01 29.59 -3.13
N LEU C 21 3.28 30.83 -3.51
CA LEU C 21 3.96 31.75 -2.62
C LEU C 21 3.04 32.09 -1.45
N ASN C 22 1.75 32.30 -1.76
CA ASN C 22 0.76 32.51 -0.71
C ASN C 22 0.79 31.37 0.29
N GLU C 23 0.83 30.15 -0.24
CA GLU C 23 0.84 28.93 0.59
C GLU C 23 2.08 28.87 1.49
N ASN C 24 3.26 29.14 0.93
CA ASN C 24 4.50 29.18 1.73
C ASN C 24 4.40 30.14 2.90
N ALA C 25 3.92 31.36 2.63
CA ALA C 25 3.76 32.38 3.66
C ALA C 25 2.53 32.13 4.54
N GLU C 26 1.79 31.05 4.25
CA GLU C 26 0.58 30.70 4.98
C GLU C 26 -0.36 31.91 5.02
N ARG C 27 -0.66 32.46 3.84
CA ARG C 27 -1.59 33.57 3.71
C ARG C 27 -2.73 33.14 2.80
N TYR C 28 -3.69 32.45 3.40
CA TYR C 28 -4.67 31.66 2.68
C TYR C 28 -5.90 32.46 2.22
N ASP C 29 -6.09 33.66 2.76
CA ASP C 29 -7.12 34.56 2.24
C ASP C 29 -6.68 35.06 0.87
N GLU C 30 -5.41 35.43 0.77
CA GLU C 30 -4.80 35.82 -0.49
C GLU C 30 -4.72 34.63 -1.45
N MET C 31 -4.46 33.43 -0.94
CA MET C 31 -4.42 32.22 -1.76
C MET C 31 -5.79 31.95 -2.42
N VAL C 32 -6.88 32.17 -1.68
CA VAL C 32 -8.22 32.01 -2.25
C VAL C 32 -8.48 33.01 -3.38
N GLU C 33 -7.92 34.23 -3.25
CA GLU C 33 -8.05 35.26 -4.28
C GLU C 33 -7.25 34.93 -5.53
N THR C 34 -6.01 34.45 -5.36
CA THR C 34 -5.20 34.06 -6.50
C THR C 34 -5.89 32.93 -7.26
N MET C 35 -6.36 31.92 -6.53
CA MET C 35 -7.07 30.81 -7.16
C MET C 35 -8.41 31.24 -7.75
N ARG C 36 -9.02 32.29 -7.22
CA ARG C 36 -10.21 32.88 -7.84
C ARG C 36 -9.85 33.53 -9.18
N LYS C 37 -8.74 34.26 -9.21
CA LYS C 37 -8.21 34.86 -10.46
C LYS C 37 -7.95 33.80 -11.52
N ILE C 38 -7.27 32.73 -11.12
CA ILE C 38 -6.95 31.59 -11.98
C ILE C 38 -8.21 30.92 -12.52
N SER C 39 -9.26 30.92 -11.72
CA SER C 39 -10.53 30.35 -12.14
C SER C 39 -11.16 31.13 -13.27
N GLY C 40 -10.85 32.43 -13.35
CA GLY C 40 -11.41 33.30 -14.38
C GLY C 40 -10.62 33.39 -15.68
N MET C 41 -9.57 32.58 -15.81
CA MET C 41 -8.71 32.61 -17.00
C MET C 41 -9.09 31.49 -17.96
N GLU C 42 -8.44 31.47 -19.13
CA GLU C 42 -8.67 30.44 -20.14
C GLU C 42 -8.11 29.11 -19.69
N GLY C 43 -8.91 28.06 -19.90
CA GLY C 43 -8.51 26.68 -19.60
C GLY C 43 -8.85 26.31 -18.18
N GLU C 44 -9.63 25.23 -18.02
CA GLU C 44 -10.07 24.79 -16.69
C GLU C 44 -8.89 24.41 -15.80
N LEU C 45 -9.16 24.21 -14.52
CA LEU C 45 -8.11 23.97 -13.53
C LEU C 45 -7.45 22.61 -13.69
N SER C 46 -6.13 22.63 -13.84
CA SER C 46 -5.34 21.39 -13.88
C SER C 46 -5.40 20.71 -12.51
N ASP C 47 -4.97 19.45 -12.46
CA ASP C 47 -4.92 18.71 -11.20
C ASP C 47 -4.03 19.43 -10.18
N LYS C 48 -2.92 19.99 -10.65
CA LYS C 48 -2.04 20.79 -9.81
C LYS C 48 -2.86 21.93 -9.21
N GLU C 49 -3.59 22.63 -10.07
CA GLU C 49 -4.37 23.79 -9.66
C GLU C 49 -5.58 23.42 -8.81
N ARG C 50 -6.26 22.32 -9.16
CA ARG C 50 -7.39 21.82 -8.35
C ARG C 50 -6.98 21.60 -6.90
N ASN C 51 -5.82 20.98 -6.71
CA ASN C 51 -5.32 20.70 -5.38
C ASN C 51 -4.95 21.99 -4.63
N LEU C 52 -4.43 22.99 -5.35
CA LEU C 52 -4.16 24.31 -4.75
C LEU C 52 -5.45 25.01 -4.29
N LEU C 53 -6.52 24.86 -5.08
CA LEU C 53 -7.84 25.39 -4.73
C LEU C 53 -8.32 24.75 -3.44
N SER C 54 -8.28 23.43 -3.41
CA SER C 54 -8.68 22.64 -2.25
C SER C 54 -7.94 23.08 -1.00
N VAL C 55 -6.61 23.14 -1.09
CA VAL C 55 -5.77 23.63 0.00
C VAL C 55 -6.19 25.03 0.44
N ALA C 56 -6.31 25.94 -0.53
CA ALA C 56 -6.67 27.34 -0.24
C ALA C 56 -7.91 27.45 0.63
N TYR C 57 -9.02 26.87 0.18
CA TYR C 57 -10.29 26.93 0.91
C TYR C 57 -10.31 26.10 2.19
N LYS C 58 -9.53 25.03 2.25
CA LYS C 58 -9.43 24.22 3.46
C LYS C 58 -8.82 25.01 4.62
N ASN C 59 -7.81 25.82 4.33
CA ASN C 59 -7.11 26.59 5.35
C ASN C 59 -7.78 27.95 5.67
N VAL C 60 -8.84 28.29 4.95
CA VAL C 60 -9.64 29.46 5.29
C VAL C 60 -10.80 29.03 6.18
N ILE C 61 -11.52 27.99 5.74
CA ILE C 61 -12.64 27.41 6.50
C ILE C 61 -12.14 26.72 7.77
N GLY C 62 -10.96 26.11 7.68
CA GLY C 62 -10.42 25.26 8.74
C GLY C 62 -10.40 25.90 10.11
N PRO C 63 -9.64 26.98 10.28
CA PRO C 63 -9.53 27.68 11.57
C PRO C 63 -10.88 28.16 12.15
N ARG C 64 -11.85 28.49 11.30
CA ARG C 64 -13.18 28.87 11.77
C ARG C 64 -13.89 27.70 12.47
N ARG C 65 -13.86 26.53 11.85
CA ARG C 65 -14.44 25.31 12.44
C ARG C 65 -13.74 24.99 13.75
N ALA C 66 -12.42 25.17 13.76
CA ALA C 66 -11.62 25.05 14.97
C ALA C 66 -12.16 25.99 16.04
N ALA C 67 -12.24 27.27 15.69
CA ALA C 67 -12.75 28.29 16.60
C ALA C 67 -14.20 28.01 16.98
N TRP C 68 -14.99 27.52 16.03
CA TRP C 68 -16.40 27.25 16.29
C TRP C 68 -16.57 26.16 17.30
N ARG C 69 -15.74 25.12 17.21
CA ARG C 69 -15.78 24.04 18.20
C ARG C 69 -15.31 24.48 19.58
N ILE C 70 -14.31 25.36 19.63
CA ILE C 70 -13.81 25.89 20.89
C ILE C 70 -14.85 26.76 21.59
N VAL C 71 -15.41 27.70 20.84
CA VAL C 71 -16.38 28.63 21.40
C VAL C 71 -17.67 27.90 21.77
N SER C 72 -18.16 27.05 20.87
CA SER C 72 -19.42 26.33 21.10
C SER C 72 -19.32 25.38 22.30
N SER C 73 -18.10 24.89 22.55
CA SER C 73 -17.85 24.04 23.71
C SER C 73 -17.93 24.86 25.01
N ILE C 74 -17.28 26.02 25.02
CA ILE C 74 -17.29 26.90 26.18
C ILE C 74 -18.73 27.32 26.50
N GLU C 75 -19.54 27.52 25.45
CA GLU C 75 -20.94 27.88 25.61
C GLU C 75 -21.72 26.78 26.34
N ALA C 76 -21.44 25.53 25.99
CA ALA C 76 -22.12 24.40 26.62
C ALA C 76 -21.81 24.38 28.13
N LYS C 77 -20.54 24.57 28.46
CA LYS C 77 -20.10 24.59 29.85
C LYS C 77 -20.87 25.65 30.64
N GLU C 78 -20.97 26.85 30.08
CA GLU C 78 -21.62 27.98 30.75
C GLU C 78 -23.13 27.81 30.86
N LYS C 79 -23.74 27.18 29.87
CA LYS C 79 -25.14 26.78 29.96
C LYS C 79 -25.30 25.62 30.94
N GLY C 80 -24.23 24.86 31.12
CA GLY C 80 -24.22 23.74 32.06
C GLY C 80 -24.16 24.15 33.53
N ARG C 81 -23.65 25.35 33.80
CA ARG C 81 -23.43 25.79 35.18
C ARG C 81 -24.69 25.66 36.02
N GLN C 82 -24.49 25.35 37.30
CA GLN C 82 -25.57 25.28 38.26
C GLN C 82 -26.14 26.67 38.51
N LYS C 83 -25.26 27.67 38.59
CA LYS C 83 -25.66 29.08 38.68
C LYS C 83 -25.19 29.80 37.42
N PRO C 84 -25.96 29.70 36.32
CA PRO C 84 -25.48 30.22 35.04
C PRO C 84 -25.51 31.74 34.92
N ASN C 85 -24.60 32.28 34.10
CA ASN C 85 -24.59 33.70 33.77
C ASN C 85 -25.22 33.92 32.38
N ALA C 86 -26.46 34.39 32.38
CA ALA C 86 -27.17 34.64 31.14
C ALA C 86 -26.39 35.60 30.25
N LYS C 87 -25.88 36.67 30.87
CA LYS C 87 -25.11 37.68 30.13
C LYS C 87 -23.91 37.10 29.40
N ARG C 88 -23.08 36.34 30.11
CA ARG C 88 -21.89 35.75 29.53
C ARG C 88 -22.23 34.68 28.49
N ILE C 89 -23.31 33.93 28.74
CA ILE C 89 -23.81 32.98 27.75
C ILE C 89 -24.19 33.71 26.45
N GLU C 90 -24.81 34.87 26.59
CA GLU C 90 -25.18 35.68 25.41
C GLU C 90 -23.98 36.31 24.70
N GLN C 91 -22.96 36.72 25.46
CA GLN C 91 -21.68 37.17 24.88
C GLN C 91 -21.11 36.10 23.98
N ILE C 92 -20.98 34.90 24.54
CA ILE C 92 -20.44 33.75 23.84
C ILE C 92 -21.31 33.38 22.64
N ARG C 93 -22.62 33.39 22.85
CA ARG C 93 -23.59 33.06 21.82
C ARG C 93 -23.48 33.96 20.59
N VAL C 94 -23.27 35.26 20.82
CA VAL C 94 -23.10 36.22 19.71
C VAL C 94 -21.78 35.96 18.99
N TYR C 95 -20.75 35.60 19.75
CA TYR C 95 -19.45 35.27 19.18
C TYR C 95 -19.53 34.09 18.24
N ARG C 96 -20.26 33.05 18.65
CA ARG C 96 -20.48 31.88 17.82
C ARG C 96 -21.21 32.26 16.53
N GLN C 97 -22.25 33.07 16.64
CA GLN C 97 -23.01 33.50 15.47
C GLN C 97 -22.16 34.26 14.48
N LYS C 98 -21.24 35.07 14.98
CA LYS C 98 -20.30 35.78 14.12
C LYS C 98 -19.47 34.79 13.32
N ILE C 99 -18.91 33.81 14.02
CA ILE C 99 -18.12 32.74 13.39
C ILE C 99 -19.00 31.98 12.40
N GLU C 100 -20.22 31.66 12.80
CA GLU C 100 -21.14 30.95 11.92
C GLU C 100 -21.36 31.68 10.60
N LYS C 101 -21.44 33.01 10.64
CA LYS C 101 -21.57 33.79 9.42
C LYS C 101 -20.34 33.60 8.54
N GLU C 102 -19.15 33.71 9.12
CA GLU C 102 -17.91 33.54 8.36
C GLU C 102 -17.90 32.20 7.66
N LEU C 103 -18.24 31.14 8.42
CA LEU C 103 -18.33 29.80 7.85
C LEU C 103 -19.33 29.76 6.70
N SER C 104 -20.43 30.49 6.84
CA SER C 104 -21.49 30.49 5.83
C SER C 104 -21.11 31.26 4.56
N ASP C 105 -20.24 32.26 4.68
CA ASP C 105 -19.79 33.01 3.51
C ASP C 105 -18.78 32.18 2.73
N ILE C 106 -17.76 31.69 3.43
CA ILE C 106 -16.74 30.82 2.82
C ILE C 106 -17.40 29.65 2.09
N CYS C 107 -18.41 29.05 2.72
CA CYS C 107 -19.13 27.94 2.09
C CYS C 107 -19.89 28.41 0.85
N ASN C 108 -20.65 29.49 0.98
CA ASN C 108 -21.37 30.08 -0.16
C ASN C 108 -20.42 30.37 -1.30
N ASP C 109 -19.30 30.98 -0.95
CA ASP C 109 -18.31 31.39 -1.93
C ASP C 109 -17.95 30.24 -2.86
N ILE C 110 -17.39 29.17 -2.29
CA ILE C 110 -16.89 28.03 -3.08
C ILE C 110 -18.03 27.17 -3.66
N LEU C 111 -19.14 27.05 -2.94
CA LEU C 111 -20.30 26.33 -3.46
C LEU C 111 -20.88 27.02 -4.70
N LYS C 112 -20.81 28.34 -4.75
CA LYS C 112 -21.21 29.10 -5.96
C LYS C 112 -20.30 28.75 -7.13
N LEU C 113 -19.00 28.97 -6.94
CA LEU C 113 -18.01 28.65 -7.97
C LEU C 113 -18.17 27.22 -8.45
N LEU C 114 -18.37 26.29 -7.53
CA LEU C 114 -18.54 24.89 -7.89
C LEU C 114 -19.77 24.68 -8.76
N GLN C 115 -20.87 25.32 -8.38
CA GLN C 115 -22.15 25.12 -9.04
C GLN C 115 -22.28 25.88 -10.35
N GLU C 116 -21.67 27.07 -10.43
CA GLU C 116 -21.79 27.94 -11.62
C GLU C 116 -20.61 27.82 -12.59
N GLN C 117 -19.40 27.64 -12.06
CA GLN C 117 -18.21 27.49 -12.90
C GLN C 117 -17.76 26.03 -13.02
N PHE C 118 -17.21 25.49 -11.95
CA PHE C 118 -16.39 24.28 -12.03
C PHE C 118 -17.10 23.03 -12.55
N VAL C 119 -18.20 22.65 -11.90
CA VAL C 119 -18.89 21.41 -12.29
C VAL C 119 -19.46 21.49 -13.72
N PRO C 120 -20.18 22.58 -14.06
CA PRO C 120 -20.67 22.75 -15.44
C PRO C 120 -19.61 22.70 -16.56
N ARG C 121 -18.39 23.16 -16.27
CA ARG C 121 -17.34 23.25 -17.28
C ARG C 121 -16.35 22.08 -17.24
N SER C 122 -16.67 21.05 -16.44
CA SER C 122 -15.78 19.89 -16.32
C SER C 122 -16.18 18.78 -17.30
N THR C 123 -15.19 18.13 -17.90
CA THR C 123 -15.42 17.03 -18.84
C THR C 123 -14.80 15.72 -18.35
N ASN C 124 -13.59 15.79 -17.79
CA ASN C 124 -12.90 14.64 -17.23
C ASN C 124 -13.69 13.90 -16.16
N ALA C 125 -13.39 12.62 -16.01
CA ALA C 125 -13.98 11.82 -14.94
C ALA C 125 -13.42 12.28 -13.60
N ASP C 126 -12.09 12.29 -13.50
CA ASP C 126 -11.42 12.59 -12.23
C ASP C 126 -11.67 14.01 -11.73
N ALA C 127 -11.79 14.97 -12.65
CA ALA C 127 -12.08 16.35 -12.25
C ALA C 127 -13.53 16.49 -11.81
N LYS C 128 -14.44 15.77 -12.45
CA LYS C 128 -15.85 15.78 -12.02
C LYS C 128 -16.02 15.28 -10.58
N VAL C 129 -15.27 14.23 -10.23
CA VAL C 129 -15.34 13.65 -8.88
C VAL C 129 -14.83 14.65 -7.85
N PHE C 130 -13.68 15.24 -8.14
CA PHE C 130 -13.09 16.24 -7.27
C PHE C 130 -14.09 17.33 -6.91
N TYR C 131 -14.76 17.90 -7.91
CA TYR C 131 -15.69 19.01 -7.70
C TYR C 131 -16.93 18.59 -6.94
N TYR C 132 -17.53 17.48 -7.35
CA TYR C 132 -18.70 16.94 -6.65
C TYR C 132 -18.39 16.60 -5.19
N LYS C 133 -17.21 16.03 -4.96
CA LYS C 133 -16.73 15.76 -3.61
C LYS C 133 -16.67 17.06 -2.82
N MET C 134 -16.04 18.08 -3.42
CA MET C 134 -15.88 19.38 -2.77
C MET C 134 -17.22 20.02 -2.46
N GLN C 135 -18.19 19.89 -3.37
CA GLN C 135 -19.55 20.35 -3.10
C GLN C 135 -20.11 19.68 -1.85
N GLY C 136 -19.99 18.36 -1.80
CA GLY C 136 -20.45 17.59 -0.65
C GLY C 136 -19.73 17.93 0.65
N ASP C 137 -18.43 18.22 0.55
CA ASP C 137 -17.64 18.58 1.72
C ASP C 137 -18.09 19.89 2.36
N TYR C 138 -18.29 20.92 1.53
CA TYR C 138 -18.63 22.24 2.05
C TYR C 138 -20.12 22.36 2.36
N TYR C 139 -20.96 21.56 1.72
CA TYR C 139 -22.35 21.41 2.19
C TYR C 139 -22.36 20.73 3.55
N ARG C 140 -21.53 19.70 3.71
CA ARG C 140 -21.40 19.02 5.00
C ARG C 140 -21.00 19.99 6.11
N TYR C 141 -20.07 20.89 5.82
CA TYR C 141 -19.62 21.87 6.82
C TYR C 141 -20.75 22.80 7.24
N LEU C 142 -21.60 23.19 6.30
CA LEU C 142 -22.77 24.00 6.64
C LEU C 142 -23.71 23.23 7.58
N ALA C 143 -23.88 21.93 7.33
CA ALA C 143 -24.74 21.10 8.19
C ALA C 143 -24.18 20.93 9.60
N GLU C 144 -22.87 21.11 9.76
CA GLU C 144 -22.22 20.92 11.05
C GLU C 144 -22.71 21.88 12.13
N TYR C 145 -23.26 23.02 11.71
CA TYR C 145 -23.87 23.95 12.66
C TYR C 145 -25.30 24.38 12.28
N SER C 146 -25.77 24.01 11.09
CA SER C 146 -27.16 24.29 10.71
C SER C 146 -28.08 23.38 11.52
N SER C 147 -29.37 23.73 11.54
CA SER C 147 -30.36 22.94 12.30
C SER C 147 -31.80 23.10 11.80
N GLY C 148 -32.64 22.12 12.15
CA GLY C 148 -34.06 22.13 11.80
C GLY C 148 -34.35 21.97 10.31
N GLU C 149 -35.01 22.97 9.75
CA GLU C 149 -35.45 22.94 8.34
C GLU C 149 -34.25 23.15 7.42
N ASP C 150 -33.39 24.10 7.75
CA ASP C 150 -32.17 24.38 6.99
C ASP C 150 -31.35 23.11 6.79
N LYS C 151 -30.96 22.49 7.90
CA LYS C 151 -30.01 21.37 7.92
C LYS C 151 -30.41 20.26 6.97
N GLU C 152 -31.70 19.91 6.94
CA GLU C 152 -32.19 18.88 6.03
C GLU C 152 -31.88 19.22 4.58
N LYS C 153 -32.29 20.42 4.16
CA LYS C 153 -32.07 20.87 2.79
C LYS C 153 -30.58 20.90 2.43
N ILE C 154 -29.74 21.31 3.39
CA ILE C 154 -28.28 21.27 3.22
C ILE C 154 -27.80 19.82 3.07
N ALA C 155 -28.26 18.96 3.98
CA ALA C 155 -27.91 17.54 3.96
C ALA C 155 -28.32 16.87 2.64
N GLY C 156 -29.49 17.23 2.13
CA GLY C 156 -29.95 16.74 0.83
C GLY C 156 -29.08 17.20 -0.32
N SER C 157 -28.52 18.40 -0.21
CA SER C 157 -27.59 18.91 -1.22
C SER C 157 -26.27 18.16 -1.14
N ALA C 158 -25.78 17.94 0.09
CA ALA C 158 -24.54 17.19 0.33
C ALA C 158 -24.65 15.76 -0.22
N LEU C 159 -25.78 15.12 0.04
CA LEU C 159 -26.05 13.75 -0.38
C LEU C 159 -25.97 13.60 -1.90
N ASN C 160 -26.61 14.53 -2.62
CA ASN C 160 -26.57 14.52 -4.09
C ASN C 160 -25.16 14.70 -4.61
N ALA C 161 -24.45 15.71 -4.10
CA ALA C 161 -23.07 15.97 -4.51
C ALA C 161 -22.21 14.73 -4.36
N TYR C 162 -22.29 14.10 -3.18
CA TYR C 162 -21.52 12.90 -2.91
C TYR C 162 -21.94 11.73 -3.80
N ASN C 163 -23.24 11.56 -4.02
CA ASN C 163 -23.74 10.51 -4.92
C ASN C 163 -23.20 10.66 -6.34
N SER C 164 -23.30 11.88 -6.87
CA SER C 164 -22.73 12.21 -8.17
C SER C 164 -21.25 11.87 -8.18
N ALA C 165 -20.54 12.32 -7.15
CA ALA C 165 -19.12 12.01 -6.99
C ALA C 165 -18.88 10.51 -6.93
N PHE C 166 -19.78 9.78 -6.27
CA PHE C 166 -19.65 8.33 -6.10
C PHE C 166 -19.80 7.56 -7.41
N GLU C 167 -20.90 7.81 -8.13
CA GLU C 167 -21.12 7.19 -9.44
C GLU C 167 -19.93 7.40 -10.37
N ILE C 168 -19.52 8.65 -10.55
CA ILE C 168 -18.42 8.99 -11.45
C ILE C 168 -17.10 8.37 -10.99
N SER C 169 -16.91 8.22 -9.68
CA SER C 169 -15.67 7.64 -9.13
C SER C 169 -15.50 6.17 -9.49
N GLN C 170 -16.59 5.49 -9.86
CA GLN C 170 -16.53 4.09 -10.28
C GLN C 170 -15.68 3.93 -11.56
N GLN C 171 -15.37 5.04 -12.23
CA GLN C 171 -14.53 5.03 -13.42
C GLN C 171 -13.04 5.22 -13.12
N LEU C 172 -12.71 5.66 -11.91
CA LEU C 172 -11.31 5.85 -11.52
C LEU C 172 -10.83 4.60 -10.78
N PRO C 173 -9.50 4.38 -10.73
CA PRO C 173 -8.95 3.21 -10.02
C PRO C 173 -9.31 3.20 -8.54
N PRO C 174 -9.57 2.02 -7.97
CA PRO C 174 -9.79 1.90 -6.52
C PRO C 174 -8.75 2.59 -5.64
N THR C 175 -7.50 2.66 -6.10
CA THR C 175 -6.42 3.29 -5.34
C THR C 175 -6.25 4.79 -5.63
N HIS C 176 -7.08 5.34 -6.52
CA HIS C 176 -7.02 6.77 -6.86
C HIS C 176 -7.39 7.62 -5.65
N PRO C 177 -6.51 8.56 -5.25
CA PRO C 177 -6.74 9.40 -4.06
C PRO C 177 -8.13 10.05 -3.96
N ILE C 178 -8.63 10.59 -5.07
CA ILE C 178 -9.91 11.30 -5.09
C ILE C 178 -11.09 10.36 -4.83
N ARG C 179 -10.97 9.11 -5.29
CA ARG C 179 -12.00 8.09 -5.06
C ARG C 179 -12.00 7.61 -3.62
N LEU C 180 -10.80 7.36 -3.08
CA LEU C 180 -10.65 7.02 -1.66
C LEU C 180 -11.06 8.18 -0.77
N GLY C 181 -10.64 9.38 -1.13
CA GLY C 181 -11.04 10.60 -0.44
C GLY C 181 -12.54 10.74 -0.32
N LEU C 182 -13.24 10.53 -1.43
CA LEU C 182 -14.71 10.57 -1.46
C LEU C 182 -15.31 9.61 -0.46
N ALA C 183 -14.82 8.36 -0.47
CA ALA C 183 -15.32 7.32 0.43
C ALA C 183 -15.22 7.75 1.89
N LEU C 184 -14.04 8.25 2.27
CA LEU C 184 -13.79 8.70 3.64
C LEU C 184 -14.77 9.78 4.09
N ASN C 185 -14.94 10.80 3.25
CA ASN C 185 -15.82 11.92 3.59
C ASN C 185 -17.30 11.56 3.52
N PHE C 186 -17.68 10.81 2.48
CA PHE C 186 -19.07 10.43 2.28
C PHE C 186 -19.52 9.48 3.40
N SER C 187 -18.60 8.60 3.84
CA SER C 187 -18.89 7.71 4.97
C SER C 187 -19.00 8.50 6.26
N VAL C 188 -18.07 9.44 6.47
CA VAL C 188 -18.13 10.32 7.63
C VAL C 188 -19.44 11.11 7.61
N PHE C 189 -19.83 11.55 6.42
CA PHE C 189 -21.10 12.26 6.25
C PHE C 189 -22.29 11.41 6.70
N TYR C 190 -22.31 10.14 6.31
CA TYR C 190 -23.35 9.23 6.76
C TYR C 190 -23.36 9.10 8.28
N TYR C 191 -22.18 8.97 8.87
CA TYR C 191 -22.05 8.72 10.30
C TYR C 191 -22.28 9.97 11.14
N GLU C 192 -21.69 11.09 10.74
CA GLU C 192 -21.70 12.32 11.55
C GLU C 192 -22.84 13.29 11.24
N ILE C 193 -23.46 13.17 10.07
CA ILE C 193 -24.57 14.07 9.70
C ILE C 193 -25.89 13.33 9.49
N LEU C 194 -25.89 12.30 8.65
CA LEU C 194 -27.14 11.64 8.22
C LEU C 194 -27.66 10.54 9.15
N ALA C 195 -27.04 10.38 10.33
CA ALA C 195 -27.52 9.40 11.31
C ALA C 195 -27.69 8.01 10.69
N SER C 196 -26.67 7.57 9.96
CA SER C 196 -26.72 6.31 9.22
C SER C 196 -25.39 5.55 9.32
N PRO C 197 -25.16 4.85 10.45
CA PRO C 197 -23.86 4.22 10.70
C PRO C 197 -23.55 2.96 9.89
N ASP C 198 -24.58 2.22 9.46
CA ASP C 198 -24.36 1.00 8.66
C ASP C 198 -23.82 1.34 7.29
N ARG C 199 -24.52 2.25 6.60
CA ARG C 199 -24.05 2.76 5.30
C ARG C 199 -22.62 3.29 5.41
N ALA C 200 -22.34 4.06 6.46
CA ALA C 200 -21.01 4.58 6.71
C ALA C 200 -19.99 3.44 6.83
N CYS C 201 -20.28 2.48 7.71
CA CYS C 201 -19.36 1.34 7.93
C CYS C 201 -19.13 0.55 6.65
N GLU C 202 -20.19 0.33 5.89
CA GLU C 202 -20.13 -0.51 4.69
C GLU C 202 -19.40 0.16 3.53
N LEU C 203 -19.73 1.43 3.28
CA LEU C 203 -19.09 2.21 2.21
C LEU C 203 -17.59 2.34 2.47
N ALA C 204 -17.23 2.55 3.73
CA ALA C 204 -15.82 2.64 4.14
C ALA C 204 -15.12 1.30 3.94
N ARG C 205 -15.84 0.21 4.23
CA ARG C 205 -15.31 -1.15 4.14
C ARG C 205 -15.05 -1.57 2.69
N LYS C 206 -16.07 -1.40 1.85
CA LYS C 206 -15.94 -1.72 0.43
C LYS C 206 -14.82 -0.90 -0.22
N ALA C 207 -14.80 0.40 0.07
CA ALA C 207 -13.77 1.29 -0.41
C ALA C 207 -12.37 0.92 0.09
N PHE C 208 -12.28 0.46 1.33
CA PHE C 208 -11.00 -0.01 1.91
C PHE C 208 -10.59 -1.34 1.27
N ASP C 209 -11.57 -2.23 1.08
CA ASP C 209 -11.29 -3.57 0.57
C ASP C 209 -10.88 -3.52 -0.89
N ALA C 210 -11.57 -2.69 -1.67
CA ALA C 210 -11.21 -2.44 -3.07
C ALA C 210 -9.77 -1.96 -3.22
N ALA C 211 -9.32 -1.13 -2.28
CA ALA C 211 -7.96 -0.59 -2.29
C ALA C 211 -6.90 -1.63 -1.89
N ILE C 212 -7.21 -2.47 -0.91
CA ILE C 212 -6.29 -3.54 -0.50
C ILE C 212 -6.03 -4.53 -1.64
N THR C 213 -7.02 -4.77 -2.49
CA THR C 213 -6.87 -5.67 -3.63
C THR C 213 -5.81 -5.15 -4.59
N ASP C 214 -5.86 -3.85 -4.88
CA ASP C 214 -4.91 -3.23 -5.82
C ASP C 214 -3.70 -2.63 -5.11
N LEU C 215 -3.41 -3.10 -3.88
CA LEU C 215 -2.29 -2.57 -3.10
C LEU C 215 -0.94 -2.80 -3.78
N ASP C 216 -0.88 -3.76 -4.71
CA ASP C 216 0.33 -4.01 -5.49
CA ASP C 216 0.32 -4.01 -5.50
C ASP C 216 0.68 -2.80 -6.38
N LYS C 217 -0.33 -2.02 -6.76
CA LYS C 217 -0.11 -0.79 -7.53
C LYS C 217 0.48 0.37 -6.70
N LEU C 218 0.35 0.30 -5.37
CA LEU C 218 0.81 1.38 -4.49
C LEU C 218 2.17 1.11 -3.83
N THR C 219 2.51 -0.16 -3.66
CA THR C 219 3.75 -0.54 -2.97
C THR C 219 4.95 -0.62 -3.91
N GLU C 220 6.14 -0.38 -3.37
CA GLU C 220 7.37 -0.46 -4.15
C GLU C 220 7.73 -1.92 -4.44
N GLU C 221 8.68 -2.11 -5.35
CA GLU C 221 9.08 -3.45 -5.79
C GLU C 221 9.62 -4.34 -4.68
N SER C 222 10.39 -3.75 -3.77
CA SER C 222 11.04 -4.51 -2.68
C SER C 222 10.07 -5.09 -1.65
N TYR C 223 8.77 -4.81 -1.77
CA TYR C 223 7.80 -5.15 -0.74
C TYR C 223 6.56 -5.90 -1.25
N LYS C 224 6.64 -6.50 -2.44
CA LYS C 224 5.54 -7.28 -2.99
C LYS C 224 5.19 -8.50 -2.13
N ASP C 225 6.19 -9.03 -1.42
CA ASP C 225 5.98 -10.14 -0.49
C ASP C 225 5.00 -9.74 0.60
N SER C 226 5.30 -8.63 1.26
CA SER C 226 4.50 -8.13 2.37
C SER C 226 3.10 -7.73 1.95
N THR C 227 3.01 -7.00 0.83
CA THR C 227 1.71 -6.61 0.25
C THR C 227 0.78 -7.79 0.09
N LEU C 228 1.30 -8.89 -0.46
CA LEU C 228 0.49 -10.07 -0.72
C LEU C 228 0.03 -10.72 0.59
N ILE C 229 0.94 -10.83 1.56
CA ILE C 229 0.61 -11.45 2.84
C ILE C 229 -0.49 -10.64 3.54
N MET C 230 -0.39 -9.31 3.48
CA MET C 230 -1.45 -8.44 3.98
C MET C 230 -2.78 -8.70 3.27
N GLN C 231 -2.73 -8.79 1.95
CA GLN C 231 -3.90 -9.16 1.16
C GLN C 231 -4.51 -10.49 1.61
N LEU C 232 -3.65 -11.45 1.94
CA LEU C 232 -4.11 -12.77 2.37
C LEU C 232 -4.61 -12.78 3.81
N LEU C 233 -4.01 -11.94 4.66
CA LEU C 233 -4.50 -11.74 6.02
C LEU C 233 -5.92 -11.20 5.98
N ARG C 234 -6.15 -10.22 5.08
CA ARG C 234 -7.48 -9.67 4.87
C ARG C 234 -8.45 -10.76 4.44
N ASP C 235 -8.08 -11.51 3.41
CA ASP C 235 -8.93 -12.57 2.87
C ASP C 235 -9.40 -13.51 3.96
N ASN C 236 -8.48 -13.94 4.82
CA ASN C 236 -8.83 -14.83 5.92
C ASN C 236 -9.82 -14.18 6.88
N LEU C 237 -9.59 -12.92 7.21
CA LEU C 237 -10.47 -12.22 8.12
C LEU C 237 -11.87 -12.16 7.53
N ASN C 238 -11.97 -11.73 6.27
CA ASN C 238 -13.27 -11.68 5.64
C ASN C 238 -13.86 -13.06 5.51
N LEU C 239 -13.04 -14.03 5.14
CA LEU C 239 -13.51 -15.40 4.96
C LEU C 239 -13.99 -15.95 6.27
N TRP C 240 -13.23 -15.68 7.31
CA TRP C 240 -13.63 -16.06 8.63
C TRP C 240 -14.71 -15.08 8.93
N VAL C 241 -15.41 -15.26 10.03
CA VAL C 241 -16.51 -14.37 10.33
C VAL C 241 -17.50 -14.41 9.19
N THR C 242 -17.79 -15.62 8.73
CA THR C 242 -18.73 -15.82 7.64
C THR C 242 -19.09 -17.29 7.57
N MET D 6 -32.79 44.30 25.96
CA MET D 6 -33.14 43.71 27.28
C MET D 6 -31.93 43.63 28.21
N ALA D 7 -30.82 43.11 27.70
CA ALA D 7 -29.60 42.88 28.49
C ALA D 7 -28.87 44.19 28.85
N GLU D 8 -28.01 44.12 29.86
CA GLU D 8 -27.21 45.26 30.32
C GLU D 8 -25.92 45.39 29.53
N ALA D 9 -25.25 46.53 29.69
CA ALA D 9 -23.99 46.82 29.01
C ALA D 9 -22.84 46.00 29.61
N PHE D 10 -21.82 45.72 28.80
CA PHE D 10 -20.72 44.83 29.21
C PHE D 10 -19.70 45.59 30.05
N THR D 11 -19.23 44.96 31.13
CA THR D 11 -18.26 45.58 32.03
C THR D 11 -16.83 45.32 31.54
N ARG D 12 -15.84 45.84 32.26
CA ARG D 12 -14.43 45.66 31.89
C ARG D 12 -13.99 44.20 31.96
N GLU D 13 -14.57 43.43 32.89
CA GLU D 13 -14.19 42.04 33.09
C GLU D 13 -14.80 41.13 32.02
N ASP D 14 -15.91 41.58 31.43
CA ASP D 14 -16.48 40.94 30.26
C ASP D 14 -15.52 40.99 29.09
N TYR D 15 -14.83 42.12 28.94
CA TYR D 15 -13.85 42.30 27.88
C TYR D 15 -12.62 41.44 28.13
N VAL D 16 -12.20 41.32 29.39
CA VAL D 16 -11.08 40.45 29.74
C VAL D 16 -11.40 39.01 29.40
N PHE D 17 -12.66 38.61 29.61
CA PHE D 17 -13.10 37.27 29.27
C PHE D 17 -13.06 37.06 27.75
N MET D 18 -13.75 37.93 27.01
CA MET D 18 -13.74 37.88 25.55
C MET D 18 -12.33 37.86 24.98
N ALA D 19 -11.46 38.68 25.55
CA ALA D 19 -10.06 38.73 25.14
C ALA D 19 -9.40 37.37 25.32
N GLN D 20 -9.73 36.68 26.41
CA GLN D 20 -9.23 35.33 26.67
C GLN D 20 -9.88 34.31 25.74
N LEU D 21 -11.17 34.50 25.46
CA LEU D 21 -11.88 33.63 24.53
C LEU D 21 -11.34 33.81 23.11
N ASN D 22 -11.11 35.07 22.72
CA ASN D 22 -10.39 35.37 21.48
C ASN D 22 -9.12 34.53 21.41
N GLU D 23 -8.28 34.66 22.45
CA GLU D 23 -7.03 33.92 22.56
C GLU D 23 -7.22 32.42 22.45
N ASN D 24 -8.25 31.90 23.11
CA ASN D 24 -8.50 30.47 23.14
C ASN D 24 -9.02 29.97 21.81
N ALA D 25 -9.83 30.80 21.14
CA ALA D 25 -10.30 30.52 19.79
C ALA D 25 -9.19 30.78 18.77
N GLU D 26 -8.09 31.37 19.22
CA GLU D 26 -6.91 31.62 18.40
C GLU D 26 -7.21 32.68 17.32
N ARG D 27 -8.09 33.62 17.65
CA ARG D 27 -8.46 34.71 16.76
C ARG D 27 -7.86 36.01 17.29
N TYR D 28 -6.62 36.27 16.91
CA TYR D 28 -5.81 37.31 17.55
C TYR D 28 -6.08 38.71 17.06
N ASP D 29 -6.59 38.85 15.84
CA ASP D 29 -7.04 40.16 15.35
C ASP D 29 -8.12 40.67 16.30
N GLU D 30 -9.12 39.83 16.54
CA GLU D 30 -10.17 40.13 17.49
C GLU D 30 -9.64 40.39 18.89
N MET D 31 -8.60 39.65 19.28
CA MET D 31 -7.98 39.87 20.60
C MET D 31 -7.42 41.27 20.71
N VAL D 32 -6.68 41.72 19.69
CA VAL D 32 -6.14 43.08 19.67
C VAL D 32 -7.25 44.11 19.86
N GLU D 33 -8.38 43.91 19.17
CA GLU D 33 -9.51 44.85 19.25
C GLU D 33 -10.17 44.86 20.62
N THR D 34 -10.31 43.69 21.23
CA THR D 34 -10.86 43.58 22.58
C THR D 34 -9.93 44.26 23.59
N MET D 35 -8.63 44.04 23.43
CA MET D 35 -7.64 44.68 24.30
C MET D 35 -7.55 46.18 24.06
N ARG D 36 -7.87 46.62 22.84
CA ARG D 36 -8.00 48.04 22.56
C ARG D 36 -9.13 48.64 23.40
N LYS D 37 -10.23 47.91 23.56
CA LYS D 37 -11.35 48.38 24.37
C LYS D 37 -10.94 48.61 25.82
N ILE D 38 -10.13 47.70 26.36
CA ILE D 38 -9.68 47.78 27.76
C ILE D 38 -8.70 48.95 27.99
N SER D 39 -7.96 49.31 26.94
CA SER D 39 -7.07 50.47 26.98
C SER D 39 -7.86 51.76 27.14
N GLY D 40 -8.98 51.84 26.43
CA GLY D 40 -9.87 52.99 26.50
C GLY D 40 -10.73 53.08 27.76
N MET D 41 -10.71 52.02 28.58
CA MET D 41 -11.43 52.02 29.85
C MET D 41 -10.58 52.73 30.90
N GLU D 42 -11.14 52.93 32.09
CA GLU D 42 -10.51 53.74 33.13
C GLU D 42 -9.35 53.02 33.81
N GLY D 43 -8.30 53.77 34.15
CA GLY D 43 -7.18 53.24 34.92
C GLY D 43 -6.14 52.52 34.10
N GLU D 44 -5.09 52.08 34.79
CA GLU D 44 -4.02 51.29 34.16
C GLU D 44 -4.49 49.88 33.80
N LEU D 45 -3.61 49.15 33.13
CA LEU D 45 -3.83 47.75 32.82
C LEU D 45 -3.17 46.94 33.93
N SER D 46 -3.81 45.84 34.33
CA SER D 46 -3.25 44.98 35.38
C SER D 46 -2.09 44.15 34.83
N ASP D 47 -1.48 43.35 35.70
CA ASP D 47 -0.42 42.42 35.26
C ASP D 47 -1.00 41.36 34.33
N LYS D 48 -2.22 40.91 34.62
CA LYS D 48 -2.92 39.98 33.74
C LYS D 48 -3.13 40.58 32.35
N GLU D 49 -3.61 41.83 32.33
CA GLU D 49 -3.99 42.49 31.08
C GLU D 49 -2.79 42.92 30.22
N ARG D 50 -1.70 43.34 30.85
CA ARG D 50 -0.47 43.64 30.11
C ARG D 50 0.04 42.40 29.39
N ASN D 51 -0.14 41.24 30.01
CA ASN D 51 0.25 39.96 29.41
C ASN D 51 -0.65 39.57 28.24
N LEU D 52 -1.95 39.90 28.36
CA LEU D 52 -2.91 39.68 27.26
C LEU D 52 -2.70 40.66 26.12
N LEU D 53 -2.22 41.87 26.44
CA LEU D 53 -1.92 42.89 25.43
C LEU D 53 -0.80 42.43 24.51
N SER D 54 0.31 42.02 25.11
CA SER D 54 1.48 41.57 24.33
C SER D 54 1.22 40.23 23.65
N VAL D 55 0.35 39.40 24.25
CA VAL D 55 -0.08 38.16 23.62
C VAL D 55 -0.79 38.44 22.29
N ALA D 56 -1.76 39.35 22.31
CA ALA D 56 -2.53 39.71 21.11
C ALA D 56 -1.63 40.26 20.01
N TYR D 57 -0.87 41.30 20.32
CA TYR D 57 -0.02 41.95 19.33
C TYR D 57 1.10 41.06 18.79
N LYS D 58 1.69 40.23 19.66
CA LYS D 58 2.72 39.27 19.24
C LYS D 58 2.19 38.32 18.17
N ASN D 59 0.98 37.79 18.38
CA ASN D 59 0.38 36.82 17.46
C ASN D 59 -0.21 37.42 16.19
N VAL D 60 -0.30 38.75 16.14
CA VAL D 60 -0.73 39.45 14.93
C VAL D 60 0.50 39.86 14.13
N ILE D 61 1.51 40.40 14.82
CA ILE D 61 2.77 40.79 14.18
C ILE D 61 3.60 39.57 13.76
N GLY D 62 3.55 38.50 14.56
CA GLY D 62 4.35 37.30 14.32
C GLY D 62 4.21 36.68 12.94
N PRO D 63 3.00 36.20 12.59
CA PRO D 63 2.76 35.57 11.28
C PRO D 63 3.23 36.41 10.09
N ARG D 64 3.08 37.73 10.19
CA ARG D 64 3.57 38.65 9.16
C ARG D 64 5.09 38.60 8.98
N ARG D 65 5.81 38.35 10.07
CA ARG D 65 7.27 38.31 10.03
C ARG D 65 7.79 36.99 9.51
N ALA D 66 7.10 35.90 9.84
CA ALA D 66 7.39 34.60 9.25
C ALA D 66 7.21 34.72 7.73
N ALA D 67 6.09 35.30 7.32
CA ALA D 67 5.79 35.55 5.91
C ALA D 67 6.85 36.43 5.26
N TRP D 68 7.29 37.47 5.97
CA TRP D 68 8.32 38.38 5.45
C TRP D 68 9.60 37.66 5.17
N ARG D 69 10.01 36.80 6.08
CA ARG D 69 11.23 36.01 5.90
C ARG D 69 11.05 35.07 4.73
N ILE D 70 9.95 34.33 4.73
CA ILE D 70 9.68 33.36 3.67
C ILE D 70 9.66 34.05 2.31
N VAL D 71 9.12 35.27 2.25
CA VAL D 71 9.03 36.02 1.00
C VAL D 71 10.40 36.58 0.58
N SER D 72 11.07 37.27 1.51
CA SER D 72 12.41 37.82 1.25
C SER D 72 13.42 36.76 0.84
N SER D 73 13.23 35.55 1.35
CA SER D 73 14.07 34.40 1.01
C SER D 73 13.88 33.97 -0.45
N ILE D 74 12.63 33.72 -0.85
CA ILE D 74 12.32 33.34 -2.23
C ILE D 74 12.72 34.45 -3.20
N GLU D 75 12.61 35.70 -2.76
CA GLU D 75 13.10 36.84 -3.54
C GLU D 75 14.62 36.77 -3.73
N ALA D 76 15.34 36.47 -2.65
CA ALA D 76 16.80 36.31 -2.68
C ALA D 76 17.20 35.11 -3.55
N LYS D 77 16.48 34.00 -3.42
CA LYS D 77 16.66 32.82 -4.28
C LYS D 77 16.56 33.21 -5.76
N GLU D 78 15.41 33.76 -6.15
CA GLU D 78 15.17 34.12 -7.55
C GLU D 78 16.18 35.13 -8.11
N LYS D 79 16.63 36.06 -7.28
CA LYS D 79 17.65 37.03 -7.70
C LYS D 79 19.04 36.38 -7.86
N GLY D 80 19.23 35.20 -7.28
CA GLY D 80 20.45 34.44 -7.45
C GLY D 80 20.20 33.15 -8.24
N ARG D 81 19.50 33.29 -9.35
CA ARG D 81 19.18 32.15 -10.21
C ARG D 81 20.26 31.94 -11.27
N GLN D 82 20.35 30.71 -11.75
CA GLN D 82 21.15 30.40 -12.94
C GLN D 82 20.72 31.30 -14.12
N LYS D 83 19.40 31.46 -14.28
CA LYS D 83 18.81 32.28 -15.34
C LYS D 83 17.75 33.19 -14.72
N PRO D 84 18.14 34.42 -14.31
CA PRO D 84 17.25 35.30 -13.51
C PRO D 84 15.97 35.78 -14.22
N ASN D 85 14.83 35.54 -13.59
CA ASN D 85 13.52 35.99 -14.10
C ASN D 85 13.16 37.38 -13.57
N ALA D 86 13.35 38.40 -14.40
CA ALA D 86 13.17 39.80 -14.01
C ALA D 86 11.73 40.17 -13.59
N LYS D 87 10.74 39.60 -14.26
CA LYS D 87 9.32 39.89 -13.95
C LYS D 87 8.92 39.31 -12.59
N ARG D 88 9.31 38.07 -12.33
CA ARG D 88 8.94 37.39 -11.10
C ARG D 88 9.62 38.02 -9.89
N ILE D 89 10.90 38.38 -10.05
CA ILE D 89 11.63 39.09 -9.01
C ILE D 89 10.88 40.34 -8.57
N GLU D 90 10.31 41.06 -9.53
CA GLU D 90 9.48 42.22 -9.21
C GLU D 90 8.16 41.80 -8.54
N GLN D 91 7.54 40.73 -9.07
CA GLN D 91 6.29 40.21 -8.50
C GLN D 91 6.42 40.01 -6.99
N ILE D 92 7.50 39.34 -6.59
CA ILE D 92 7.77 39.00 -5.19
C ILE D 92 8.07 40.25 -4.38
N ARG D 93 8.94 41.11 -4.90
CA ARG D 93 9.26 42.40 -4.28
C ARG D 93 7.98 43.14 -3.83
N VAL D 94 7.00 43.20 -4.72
CA VAL D 94 5.72 43.88 -4.43
C VAL D 94 4.97 43.20 -3.27
N TYR D 95 5.04 41.87 -3.23
CA TYR D 95 4.37 41.08 -2.21
C TYR D 95 4.99 41.35 -0.84
N ARG D 96 6.33 41.30 -0.78
CA ARG D 96 7.05 41.68 0.43
C ARG D 96 6.59 43.05 0.93
N GLN D 97 6.55 44.02 0.03
CA GLN D 97 6.14 45.39 0.38
C GLN D 97 4.70 45.47 0.89
N LYS D 98 3.83 44.56 0.43
CA LYS D 98 2.48 44.47 0.97
C LYS D 98 2.57 44.04 2.43
N ILE D 99 3.36 43.00 2.67
CA ILE D 99 3.59 42.46 4.01
C ILE D 99 4.27 43.48 4.94
N GLU D 100 5.18 44.28 4.39
CA GLU D 100 5.85 45.32 5.17
C GLU D 100 4.91 46.44 5.61
N LYS D 101 3.90 46.74 4.79
CA LYS D 101 2.94 47.78 5.15
C LYS D 101 2.06 47.30 6.30
N GLU D 102 1.65 46.03 6.25
CA GLU D 102 0.95 45.40 7.36
C GLU D 102 1.81 45.46 8.62
N LEU D 103 3.10 45.15 8.47
CA LEU D 103 4.02 45.23 9.59
C LEU D 103 4.08 46.66 10.12
N SER D 104 4.12 47.63 9.21
CA SER D 104 4.17 49.05 9.59
C SER D 104 2.91 49.47 10.34
N ASP D 105 1.75 49.02 9.87
CA ASP D 105 0.48 49.39 10.46
C ASP D 105 0.31 48.84 11.89
N ILE D 106 0.67 47.57 12.06
CA ILE D 106 0.54 46.91 13.37
C ILE D 106 1.49 47.54 14.40
N CYS D 107 2.70 47.88 13.97
CA CYS D 107 3.68 48.50 14.86
C CYS D 107 3.25 49.91 15.24
N ASN D 108 2.96 50.73 14.24
CA ASN D 108 2.49 52.09 14.47
C ASN D 108 1.28 52.12 15.39
N ASP D 109 0.39 51.14 15.21
CA ASP D 109 -0.80 51.04 16.03
C ASP D 109 -0.42 50.92 17.50
N ILE D 110 0.29 49.85 17.85
CA ILE D 110 0.66 49.59 19.25
C ILE D 110 1.58 50.69 19.78
N LEU D 111 2.54 51.12 18.97
CA LEU D 111 3.44 52.20 19.39
C LEU D 111 2.66 53.46 19.74
N LYS D 112 1.60 53.75 18.98
CA LYS D 112 0.76 54.93 19.25
C LYS D 112 0.01 54.79 20.56
N LEU D 113 -0.39 53.57 20.91
CA LEU D 113 -1.05 53.34 22.20
C LEU D 113 -0.04 53.39 23.35
N LEU D 114 1.16 52.86 23.13
CA LEU D 114 2.22 52.93 24.14
C LEU D 114 2.59 54.37 24.44
N GLN D 115 2.79 55.16 23.39
CA GLN D 115 3.24 56.55 23.50
C GLN D 115 2.18 57.46 24.13
N GLU D 116 0.94 57.35 23.66
CA GLU D 116 -0.14 58.25 24.08
C GLU D 116 -0.89 57.77 25.32
N GLN D 117 -1.02 56.46 25.51
CA GLN D 117 -1.84 55.92 26.59
C GLN D 117 -1.03 55.33 27.74
N PHE D 118 -0.28 54.27 27.46
CA PHE D 118 0.27 53.41 28.51
C PHE D 118 1.41 54.00 29.34
N VAL D 119 2.36 54.67 28.69
CA VAL D 119 3.49 55.26 29.42
C VAL D 119 3.10 56.53 30.18
N PRO D 120 2.29 57.42 29.57
CA PRO D 120 1.76 58.54 30.35
C PRO D 120 0.88 58.12 31.55
N ARG D 121 0.13 57.03 31.41
CA ARG D 121 -0.75 56.52 32.48
C ARG D 121 -0.03 55.75 33.58
N SER D 122 1.13 55.18 33.27
CA SER D 122 1.80 54.25 34.18
C SER D 122 2.26 54.91 35.49
N THR D 123 2.04 54.19 36.59
CA THR D 123 2.47 54.63 37.92
C THR D 123 3.47 53.63 38.51
N ASN D 124 3.13 52.34 38.43
CA ASN D 124 4.00 51.28 38.93
C ASN D 124 5.33 51.20 38.18
N ALA D 125 6.38 50.80 38.88
CA ALA D 125 7.74 50.77 38.34
C ALA D 125 7.97 49.60 37.38
N ASP D 126 7.43 48.43 37.73
CA ASP D 126 7.60 47.22 36.91
C ASP D 126 6.84 47.35 35.60
N ALA D 127 5.63 47.89 35.69
CA ALA D 127 4.81 48.18 34.52
C ALA D 127 5.51 49.17 33.58
N LYS D 128 6.24 50.12 34.16
CA LYS D 128 6.98 51.10 33.39
C LYS D 128 8.01 50.39 32.49
N VAL D 129 8.76 49.46 33.07
CA VAL D 129 9.77 48.68 32.33
C VAL D 129 9.13 47.90 31.19
N PHE D 130 7.96 47.32 31.46
CA PHE D 130 7.23 46.53 30.49
C PHE D 130 6.91 47.34 29.23
N TYR D 131 6.26 48.48 29.41
CA TYR D 131 5.84 49.31 28.29
C TYR D 131 7.01 49.89 27.49
N TYR D 132 8.10 50.23 28.18
CA TYR D 132 9.31 50.70 27.51
C TYR D 132 9.95 49.58 26.68
N LYS D 133 9.98 48.38 27.25
CA LYS D 133 10.45 47.20 26.51
C LYS D 133 9.60 46.97 25.26
N MET D 134 8.30 47.17 25.39
CA MET D 134 7.37 46.98 24.28
C MET D 134 7.63 48.00 23.19
N GLN D 135 7.73 49.27 23.57
CA GLN D 135 8.10 50.32 22.64
C GLN D 135 9.37 49.91 21.89
N GLY D 136 10.39 49.54 22.67
CA GLY D 136 11.68 49.09 22.13
C GLY D 136 11.56 47.96 21.12
N ASP D 137 10.75 46.96 21.44
CA ASP D 137 10.56 45.82 20.54
C ASP D 137 9.87 46.23 19.24
N TYR D 138 8.75 46.92 19.35
CA TYR D 138 7.96 47.28 18.16
C TYR D 138 8.60 48.37 17.31
N TYR D 139 9.55 49.13 17.89
CA TYR D 139 10.45 49.96 17.09
C TYR D 139 11.50 49.08 16.40
N ARG D 140 11.99 48.06 17.10
CA ARG D 140 12.95 47.11 16.51
C ARG D 140 12.34 46.37 15.32
N TYR D 141 11.04 46.08 15.39
CA TYR D 141 10.36 45.42 14.28
C TYR D 141 10.21 46.38 13.10
N LEU D 142 9.96 47.66 13.38
CA LEU D 142 9.93 48.67 12.32
C LEU D 142 11.28 48.78 11.64
N ALA D 143 12.34 48.82 12.46
CA ALA D 143 13.71 48.94 11.96
C ALA D 143 14.22 47.69 11.21
N GLU D 144 13.51 46.57 11.30
CA GLU D 144 13.93 45.33 10.64
C GLU D 144 13.86 45.35 9.12
N TYR D 145 12.99 46.17 8.55
CA TYR D 145 12.87 46.29 7.08
C TYR D 145 13.09 47.71 6.55
N SER D 146 13.14 48.71 7.44
CA SER D 146 13.33 50.10 7.03
C SER D 146 14.78 50.36 6.61
N SER D 147 14.99 51.42 5.84
CA SER D 147 16.28 51.65 5.18
C SER D 147 16.84 53.06 5.43
N GLY D 148 18.15 53.14 5.62
CA GLY D 148 18.88 54.41 5.66
C GLY D 148 18.47 55.37 6.75
N GLU D 149 18.06 56.58 6.36
CA GLU D 149 17.67 57.64 7.29
C GLU D 149 16.43 57.29 8.14
N ASP D 150 15.55 56.46 7.59
CA ASP D 150 14.41 55.94 8.35
C ASP D 150 14.89 54.95 9.42
N LYS D 151 15.67 53.97 8.99
CA LYS D 151 16.23 52.96 9.90
C LYS D 151 16.97 53.60 11.08
N GLU D 152 17.69 54.69 10.80
CA GLU D 152 18.44 55.42 11.83
C GLU D 152 17.51 56.23 12.76
N LYS D 153 16.45 56.80 12.20
CA LYS D 153 15.48 57.55 13.00
C LYS D 153 14.64 56.61 13.87
N ILE D 154 14.24 55.47 13.30
CA ILE D 154 13.55 54.42 14.06
C ILE D 154 14.47 53.88 15.17
N ALA D 155 15.68 53.46 14.78
CA ALA D 155 16.67 52.91 15.70
C ALA D 155 16.87 53.83 16.91
N GLY D 156 16.97 55.13 16.65
CA GLY D 156 17.06 56.12 17.72
C GLY D 156 15.94 55.99 18.72
N SER D 157 14.70 55.87 18.22
CA SER D 157 13.53 55.73 19.08
C SER D 157 13.55 54.41 19.85
N ALA D 158 13.99 53.35 19.18
CA ALA D 158 14.14 52.03 19.79
C ALA D 158 15.18 52.07 20.92
N LEU D 159 16.30 52.74 20.67
CA LEU D 159 17.37 52.90 21.66
C LEU D 159 16.89 53.62 22.92
N ASN D 160 16.20 54.75 22.72
CA ASN D 160 15.68 55.53 23.85
C ASN D 160 14.73 54.71 24.71
N ALA D 161 13.85 53.96 24.06
CA ALA D 161 12.88 53.10 24.74
C ALA D 161 13.60 52.03 25.56
N TYR D 162 14.54 51.32 24.94
CA TYR D 162 15.29 50.28 25.64
C TYR D 162 16.09 50.84 26.82
N ASN D 163 16.67 52.03 26.66
CA ASN D 163 17.40 52.70 27.74
C ASN D 163 16.50 53.10 28.89
N SER D 164 15.32 53.64 28.57
CA SER D 164 14.34 53.98 29.58
C SER D 164 13.93 52.74 30.35
N ALA D 165 13.81 51.62 29.65
CA ALA D 165 13.50 50.34 30.27
C ALA D 165 14.67 49.86 31.11
N PHE D 166 15.89 50.03 30.60
CA PHE D 166 17.10 49.54 31.27
C PHE D 166 17.39 50.25 32.58
N GLU D 167 17.09 51.55 32.66
CA GLU D 167 17.24 52.29 33.91
C GLU D 167 16.34 51.71 34.99
N ILE D 168 15.05 51.68 34.71
CA ILE D 168 14.06 51.20 35.68
C ILE D 168 14.24 49.70 35.94
N SER D 169 14.78 48.99 34.95
CA SER D 169 15.08 47.56 35.08
C SER D 169 16.01 47.26 36.25
N GLN D 170 16.96 48.15 36.49
CA GLN D 170 17.97 47.96 37.55
C GLN D 170 17.35 47.83 38.94
N GLN D 171 16.14 48.37 39.13
CA GLN D 171 15.44 48.25 40.41
C GLN D 171 15.03 46.80 40.74
N LEU D 172 14.60 46.05 39.72
CA LEU D 172 14.18 44.64 39.95
C LEU D 172 15.36 43.75 40.31
N PRO D 173 15.10 42.57 40.90
CA PRO D 173 16.19 41.61 41.15
C PRO D 173 16.82 41.10 39.85
N PRO D 174 18.14 40.80 39.88
CA PRO D 174 18.83 40.30 38.68
C PRO D 174 18.19 39.08 38.00
N THR D 175 17.47 38.25 38.76
CA THR D 175 16.81 37.07 38.20
C THR D 175 15.35 37.29 37.79
N HIS D 176 14.87 38.53 37.86
CA HIS D 176 13.48 38.85 37.47
C HIS D 176 13.31 38.73 35.98
N PRO D 177 12.24 38.05 35.52
CA PRO D 177 12.10 37.82 34.07
C PRO D 177 11.98 39.08 33.24
N ILE D 178 11.38 40.13 33.81
CA ILE D 178 11.29 41.43 33.13
C ILE D 178 12.67 42.04 32.93
N ARG D 179 13.51 41.96 33.95
CA ARG D 179 14.88 42.44 33.85
C ARG D 179 15.73 41.57 32.91
N LEU D 180 15.56 40.26 33.00
CA LEU D 180 16.24 39.33 32.11
C LEU D 180 15.76 39.48 30.66
N GLY D 181 14.44 39.61 30.49
CA GLY D 181 13.85 39.77 29.16
C GLY D 181 14.36 40.99 28.42
N LEU D 182 14.36 42.14 29.11
CA LEU D 182 14.87 43.39 28.55
C LEU D 182 16.31 43.26 28.05
N ALA D 183 17.15 42.63 28.86
CA ALA D 183 18.54 42.37 28.49
C ALA D 183 18.62 41.56 27.19
N LEU D 184 17.86 40.47 27.14
CA LEU D 184 17.85 39.58 25.99
C LEU D 184 17.51 40.32 24.71
N ASN D 185 16.50 41.18 24.77
CA ASN D 185 16.04 41.94 23.60
C ASN D 185 16.90 43.16 23.29
N PHE D 186 17.35 43.87 24.32
CA PHE D 186 18.27 45.00 24.15
C PHE D 186 19.57 44.52 23.51
N SER D 187 20.09 43.38 23.98
CA SER D 187 21.28 42.79 23.39
C SER D 187 21.08 42.47 21.91
N VAL D 188 19.94 41.85 21.59
CA VAL D 188 19.59 41.51 20.20
C VAL D 188 19.43 42.77 19.34
N PHE D 189 18.89 43.82 19.94
CA PHE D 189 18.75 45.10 19.26
C PHE D 189 20.12 45.60 18.76
N TYR D 190 21.12 45.58 19.64
CA TYR D 190 22.47 46.02 19.29
C TYR D 190 23.07 45.19 18.16
N TYR D 191 23.05 43.87 18.31
CA TYR D 191 23.71 42.98 17.36
C TYR D 191 23.09 43.05 15.97
N GLU D 192 21.76 43.00 15.92
CA GLU D 192 21.05 42.93 14.63
C GLU D 192 20.76 44.30 14.03
N ILE D 193 20.16 45.20 14.80
CA ILE D 193 19.78 46.51 14.28
C ILE D 193 20.98 47.47 14.21
N LEU D 194 21.54 47.83 15.36
CA LEU D 194 22.68 48.78 15.40
C LEU D 194 24.03 48.17 14.98
N ALA D 195 24.06 46.85 14.73
CA ALA D 195 25.27 46.15 14.29
C ALA D 195 26.51 46.48 15.15
N SER D 196 26.34 46.45 16.47
CA SER D 196 27.41 46.72 17.43
C SER D 196 27.59 45.51 18.36
N PRO D 197 28.32 44.48 17.88
CA PRO D 197 28.33 43.18 18.53
C PRO D 197 29.09 43.12 19.86
N ASP D 198 29.96 44.10 20.11
CA ASP D 198 30.65 44.18 21.40
C ASP D 198 29.69 44.61 22.50
N ARG D 199 28.89 45.64 22.22
CA ARG D 199 27.89 46.12 23.18
C ARG D 199 26.80 45.06 23.41
N ALA D 200 26.50 44.27 22.39
CA ALA D 200 25.54 43.17 22.50
C ALA D 200 26.08 42.07 23.40
N CYS D 201 27.30 41.62 23.11
CA CYS D 201 27.97 40.57 23.90
C CYS D 201 28.11 40.98 25.37
N GLU D 202 28.44 42.24 25.63
CA GLU D 202 28.65 42.71 26.99
C GLU D 202 27.33 42.80 27.77
N LEU D 203 26.29 43.31 27.12
CA LEU D 203 24.98 43.51 27.77
C LEU D 203 24.29 42.18 28.07
N ALA D 204 24.50 41.19 27.23
CA ALA D 204 24.03 39.83 27.50
C ALA D 204 24.87 39.19 28.62
N ARG D 205 26.19 39.28 28.50
CA ARG D 205 27.11 38.77 29.53
C ARG D 205 26.76 39.26 30.93
N LYS D 206 26.71 40.58 31.10
CA LYS D 206 26.45 41.15 32.42
C LYS D 206 25.14 40.64 33.00
N ALA D 207 24.08 40.73 32.21
CA ALA D 207 22.75 40.27 32.64
C ALA D 207 22.76 38.79 33.02
N PHE D 208 23.51 38.01 32.25
CA PHE D 208 23.65 36.56 32.48
C PHE D 208 24.37 36.26 33.79
N ASP D 209 25.55 36.84 33.96
CA ASP D 209 26.36 36.63 35.17
C ASP D 209 25.64 37.11 36.43
N ALA D 210 24.89 38.21 36.31
CA ALA D 210 24.05 38.70 37.41
C ALA D 210 23.04 37.62 37.81
N ALA D 211 22.45 36.97 36.82
CA ALA D 211 21.50 35.90 37.05
C ALA D 211 22.18 34.68 37.68
N ILE D 212 23.33 34.30 37.14
CA ILE D 212 24.09 33.16 37.64
C ILE D 212 24.53 33.36 39.10
N THR D 213 24.87 34.60 39.45
CA THR D 213 25.20 34.93 40.84
C THR D 213 24.03 34.63 41.78
N ASP D 214 22.81 34.98 41.36
CA ASP D 214 21.60 34.73 42.14
C ASP D 214 20.90 33.41 41.76
N LEU D 215 21.64 32.49 41.13
CA LEU D 215 21.06 31.22 40.69
C LEU D 215 20.49 30.41 41.85
N ASP D 216 21.15 30.49 43.01
CA ASP D 216 20.66 29.89 44.26
C ASP D 216 19.24 30.32 44.62
N LYS D 217 18.87 31.55 44.26
CA LYS D 217 17.53 32.06 44.56
C LYS D 217 16.45 31.45 43.67
N LEU D 218 16.84 30.93 42.50
CA LEU D 218 15.91 30.22 41.61
C LEU D 218 16.01 28.70 41.77
N THR D 219 17.08 28.24 42.41
CA THR D 219 17.39 26.82 42.51
C THR D 219 16.56 26.16 43.60
N GLU D 220 16.03 24.98 43.28
CA GLU D 220 15.33 24.17 44.26
C GLU D 220 16.33 23.74 45.33
N GLU D 221 15.91 23.78 46.58
CA GLU D 221 16.81 23.50 47.72
C GLU D 221 17.52 22.13 47.59
N SER D 222 16.87 21.18 46.91
CA SER D 222 17.46 19.87 46.64
C SER D 222 18.78 19.93 45.87
N TYR D 223 18.95 20.94 45.02
CA TYR D 223 20.05 20.98 44.05
C TYR D 223 21.13 22.05 44.32
N LYS D 224 21.12 22.66 45.51
CA LYS D 224 22.09 23.71 45.85
C LYS D 224 23.54 23.31 45.59
N ASP D 225 23.87 22.04 45.81
CA ASP D 225 25.18 21.50 45.45
C ASP D 225 25.53 21.85 44.02
N SER D 226 24.67 21.42 43.10
CA SER D 226 24.92 21.59 41.67
C SER D 226 25.03 23.05 41.25
N THR D 227 24.22 23.94 41.85
CA THR D 227 24.19 25.35 41.43
C THR D 227 25.40 26.12 41.95
N LEU D 228 25.94 25.67 43.08
CA LEU D 228 27.17 26.25 43.62
C LEU D 228 28.32 25.95 42.66
N ILE D 229 28.48 24.67 42.32
CA ILE D 229 29.55 24.21 41.43
C ILE D 229 29.46 24.89 40.05
N MET D 230 28.23 25.13 39.58
CA MET D 230 27.98 25.87 38.34
C MET D 230 28.53 27.29 38.44
N GLN D 231 28.22 27.98 39.54
CA GLN D 231 28.74 29.33 39.78
C GLN D 231 30.27 29.35 39.80
N LEU D 232 30.85 28.34 40.43
CA LEU D 232 32.31 28.25 40.54
C LEU D 232 32.94 28.01 39.17
N LEU D 233 32.31 27.15 38.37
CA LEU D 233 32.73 26.92 36.98
C LEU D 233 32.68 28.21 36.18
N ARG D 234 31.67 29.03 36.46
CA ARG D 234 31.53 30.34 35.82
C ARG D 234 32.67 31.25 36.25
N ASP D 235 32.94 31.27 37.57
CA ASP D 235 33.97 32.15 38.13
C ASP D 235 35.34 31.85 37.55
N ASN D 236 35.65 30.58 37.34
CA ASN D 236 36.91 30.15 36.71
C ASN D 236 37.02 30.62 35.27
N LEU D 237 35.96 30.37 34.50
CA LEU D 237 35.92 30.77 33.09
C LEU D 237 36.18 32.27 32.90
N ASN D 238 35.58 33.10 33.75
CA ASN D 238 35.81 34.54 33.70
C ASN D 238 37.26 34.89 34.00
N LEU D 239 37.80 34.31 35.08
CA LEU D 239 39.17 34.59 35.51
C LEU D 239 40.21 34.11 34.48
N TRP D 240 39.99 32.93 33.91
CA TRP D 240 40.89 32.39 32.88
C TRP D 240 40.79 33.13 31.57
N VAL D 241 39.56 33.49 31.18
CA VAL D 241 39.33 34.29 29.97
C VAL D 241 40.27 35.51 29.94
N THR D 242 40.28 36.28 31.02
CA THR D 242 41.10 37.51 31.09
C THR D 242 42.61 37.22 30.97
N ASP D 243 43.06 36.09 31.51
CA ASP D 243 44.45 35.62 31.29
C ASP D 243 44.64 35.13 29.86
S SO4 E . 1.55 -32.88 -29.23
O1 SO4 E . 2.29 -31.97 -30.14
O2 SO4 E . 2.48 -33.42 -28.21
O3 SO4 E . 0.98 -34.00 -30.00
O4 SO4 E . 0.49 -32.10 -28.54
S SO4 F . 24.43 -33.23 -26.77
O1 SO4 F . 23.85 -33.62 -28.08
O2 SO4 F . 24.84 -31.82 -26.82
O3 SO4 F . 25.60 -34.07 -26.47
O4 SO4 F . 23.41 -33.43 -25.72
S SO4 G . 27.00 -11.95 -22.34
O1 SO4 G . 28.35 -12.58 -22.31
O2 SO4 G . 27.05 -10.72 -23.16
O3 SO4 G . 26.02 -12.90 -22.93
O4 SO4 G . 26.59 -11.59 -20.96
S SO4 H . 21.50 -12.45 -17.88
O1 SO4 H . 22.83 -12.09 -18.39
O2 SO4 H . 20.48 -11.46 -18.31
O3 SO4 H . 21.12 -13.79 -18.40
O4 SO4 H . 21.54 -12.49 -16.40
S SO4 I . -2.98 -36.07 -29.31
O1 SO4 I . -1.71 -35.55 -29.86
O2 SO4 I . -4.08 -35.84 -30.28
O3 SO4 I . -2.82 -37.51 -29.02
O4 SO4 I . -3.28 -35.39 -28.01
S SO4 J . -0.72 -23.11 3.88
O1 SO4 J . -0.68 -23.86 2.60
O2 SO4 J . -0.70 -21.66 3.58
O3 SO4 J . 0.48 -23.46 4.69
O4 SO4 J . -1.96 -23.44 4.61
S SO4 K . -26.29 -43.88 -5.21
O1 SO4 K . -25.38 -44.94 -4.73
O2 SO4 K . -25.67 -43.20 -6.37
O3 SO4 K . -27.57 -44.50 -5.64
O4 SO4 K . -26.53 -42.91 -4.13
S SO4 L . -8.75 -44.27 8.66
O1 SO4 L . -9.27 -42.90 8.89
O2 SO4 L . -7.83 -44.28 7.51
O3 SO4 L . -9.89 -45.18 8.38
O4 SO4 L . -8.04 -44.72 9.88
S SO4 M . 4.67 -20.04 3.50
O1 SO4 M . 6.05 -19.58 3.70
O2 SO4 M . 4.51 -20.55 2.12
O3 SO4 M . 4.35 -21.11 4.47
O4 SO4 M . 3.74 -18.89 3.74
S SO4 N . -12.94 17.14 7.21
O1 SO4 N . -13.41 17.11 5.81
O2 SO4 N . -11.90 18.18 7.38
O3 SO4 N . -12.34 15.84 7.56
O4 SO4 N . -14.10 17.41 8.09
S SO4 O . -28.60 29.51 18.14
O1 SO4 O . -27.80 30.71 17.79
O2 SO4 O . -27.70 28.33 18.23
O3 SO4 O . -29.60 29.25 17.09
O4 SO4 O . -29.27 29.71 19.44
S SO4 P . -4.11 17.41 -15.44
O1 SO4 P . -3.30 18.31 -14.61
O2 SO4 P . -3.69 17.57 -16.85
O3 SO4 P . -3.88 16.02 -15.02
O4 SO4 P . -5.55 17.72 -15.31
S SO4 Q . -21.02 25.92 38.65
O1 SO4 Q . -19.70 26.57 38.81
O2 SO4 Q . -21.06 25.18 37.37
O3 SO4 Q . -21.23 24.95 39.75
O4 SO4 Q . -22.08 26.95 38.72
S SO4 R . -11.89 19.24 -17.37
O1 SO4 R . -10.42 19.33 -17.40
O2 SO4 R . -12.49 20.34 -18.17
O3 SO4 R . -12.32 17.94 -17.93
O4 SO4 R . -12.38 19.34 -15.98
S SO4 S . 11.67 38.87 19.05
O1 SO4 S . 10.97 39.40 17.88
O2 SO4 S . 13.12 39.17 18.93
O3 SO4 S . 11.45 37.41 19.10
O4 SO4 S . 11.13 39.52 20.27
S SO4 T . 12.76 47.64 -1.66
O1 SO4 T . 12.36 47.74 -3.07
O2 SO4 T . 13.40 48.91 -1.24
O3 SO4 T . 13.70 46.51 -1.48
O4 SO4 T . 11.55 47.41 -0.83
#